data_3QEU
#
_entry.id   3QEU
#
_cell.length_a   184.155
_cell.length_b   86.496
_cell.length_c   66.475
_cell.angle_alpha   90.000
_cell.angle_beta   103.970
_cell.angle_gamma   90.000
#
_symmetry.space_group_name_H-M   'C 1 2 1'
#
loop_
_entity.id
_entity.type
_entity.pdbx_description
1 polymer 'DMF5 alpha chain'
2 polymer 'DMF5 beta chain'
3 non-polymer 'LITHIUM ION'
4 non-polymer GLYCEROL
5 water water
#
loop_
_entity_poly.entity_id
_entity_poly.type
_entity_poly.pdbx_seq_one_letter_code
_entity_poly.pdbx_strand_id
1 'polypeptide(L)'
;AKEVEQNSGPLSVPEGAIASLNCTYSDRGSQSFFWYRQYSGKSPELIMFIYSNGDKEDGRFTAQLNKASQYVSLLIRDSQ
PSDSATYLCAVNFGGGKLIFGQGTELSVKPNIQNPDPAVYQLRDSKSSDKSVCLFTDFDSQTNVSQSKDSDVYITDKCVL
DMRSMDFKSNSAVAWSNKSDFACANAFNNSIIPEDTFFPSPE
;
D,A
2 'polypeptide(L)'
;MIAGITQAPTSQILAAGRRMTLRCTQDMRHNAMYWYRQDLGLGLRLIHYSNTAGTTGKGEVPDGYSVSRANTDDFPLTLA
SAVPSQTSVYFCASSLSFGTEAFFGQGTRLTVVEDLNKVFPPEVAVFEPSEAEISHTQKATLVCLATGFYPDHVELSWWV
NGKEVHSGVCTDPQPLKEQPALNDSRYALSSRLRVSATFWQDPRNHFRCQVQFYGLSENDEWTQDRAKPVTQIVSAEAWG
RAD
;
E,B
#
# COMPACT_ATOMS: atom_id res chain seq x y z
N ALA A 1 -2.05 22.49 -18.46
CA ALA A 1 -0.62 22.75 -18.13
C ALA A 1 0.01 23.90 -18.93
N LYS A 2 0.25 25.02 -18.24
CA LYS A 2 0.82 26.27 -18.78
C LYS A 2 1.26 27.10 -17.56
N GLU A 3 0.49 26.99 -16.48
CA GLU A 3 0.90 27.51 -15.17
C GLU A 3 1.70 26.46 -14.40
N VAL A 4 1.67 25.20 -14.84
CA VAL A 4 2.36 24.07 -14.18
C VAL A 4 2.97 23.23 -15.28
N GLU A 5 4.28 22.97 -15.23
CA GLU A 5 4.94 22.35 -16.38
C GLU A 5 5.84 21.21 -15.95
N GLN A 6 5.90 20.18 -16.77
CA GLN A 6 6.71 18.98 -16.54
C GLN A 6 7.21 18.49 -17.90
N ASN A 7 8.39 17.86 -17.93
CA ASN A 7 8.81 17.09 -19.11
C ASN A 7 7.99 15.82 -19.23
N SER A 8 7.61 15.48 -20.46
CA SER A 8 6.68 14.39 -20.76
C SER A 8 7.36 13.05 -20.59
N GLY A 9 8.66 13.07 -20.83
CA GLY A 9 9.47 11.88 -20.85
C GLY A 9 9.24 11.14 -22.16
N PRO A 10 9.32 9.81 -22.15
CA PRO A 10 9.48 8.95 -20.98
C PRO A 10 10.87 9.07 -20.37
N LEU A 11 10.93 9.01 -19.04
CA LEU A 11 12.17 8.93 -18.30
C LEU A 11 12.45 7.47 -18.01
N SER A 12 13.66 7.06 -18.38
CA SER A 12 14.11 5.71 -18.21
C SER A 12 15.15 5.68 -17.12
N VAL A 13 14.93 4.80 -16.13
CA VAL A 13 15.78 4.67 -14.94
C VAL A 13 16.08 3.18 -14.72
N PRO A 14 17.36 2.80 -14.50
CA PRO A 14 17.63 1.38 -14.17
C PRO A 14 17.08 1.04 -12.80
N GLU A 15 16.50 -0.16 -12.62
CA GLU A 15 16.08 -0.60 -11.29
C GLU A 15 17.18 -0.53 -10.19
N GLY A 16 16.80 -0.10 -8.98
CA GLY A 16 17.75 0.24 -7.90
C GLY A 16 18.21 1.71 -7.86
N ALA A 17 18.28 2.36 -9.02
CA ALA A 17 18.73 3.74 -9.08
C ALA A 17 17.68 4.75 -8.61
N ILE A 18 18.12 5.98 -8.38
CA ILE A 18 17.25 7.09 -8.00
C ILE A 18 16.56 7.63 -9.24
N ALA A 19 15.23 7.72 -9.19
CA ALA A 19 14.44 8.38 -10.21
C ALA A 19 14.16 9.81 -9.77
N SER A 20 14.39 10.76 -10.65
CA SER A 20 14.17 12.13 -10.32
C SER A 20 13.18 12.81 -11.29
N LEU A 21 12.11 13.37 -10.71
CA LEU A 21 11.05 14.04 -11.45
C LEU A 21 10.95 15.46 -10.99
N ASN A 22 10.81 16.38 -11.92
CA ASN A 22 10.80 17.79 -11.57
C ASN A 22 9.59 18.44 -12.21
N CYS A 23 9.15 19.53 -11.61
CA CYS A 23 7.99 20.27 -12.06
C CYS A 23 8.21 21.74 -11.75
N THR A 24 7.87 22.63 -12.69
CA THR A 24 7.91 24.07 -12.42
C THR A 24 6.51 24.71 -12.52
N TYR A 25 6.35 25.89 -11.92
CA TYR A 25 5.04 26.53 -11.83
C TYR A 25 5.12 28.07 -11.81
N SER A 26 4.01 28.76 -12.14
CA SER A 26 3.90 30.23 -11.97
C SER A 26 3.83 30.60 -10.50
N ASP A 27 4.57 31.62 -10.07
CA ASP A 27 4.59 31.96 -8.62
C ASP A 27 3.35 32.71 -8.09
N ARG A 28 2.60 33.37 -8.97
CA ARG A 28 1.39 34.08 -8.54
C ARG A 28 0.28 33.14 -8.07
N GLY A 29 0.08 33.15 -6.75
CA GLY A 29 -1.07 32.55 -6.12
C GLY A 29 -0.94 31.08 -5.75
N SER A 30 0.23 30.49 -6.01
CA SER A 30 0.51 29.07 -5.75
C SER A 30 0.60 28.78 -4.26
N GLN A 31 -0.16 27.79 -3.78
CA GLN A 31 -0.24 27.57 -2.32
C GLN A 31 0.27 26.22 -1.87
N SER A 32 -0.10 25.18 -2.61
CA SER A 32 0.17 23.79 -2.22
C SER A 32 0.56 22.97 -3.43
N PHE A 33 1.36 21.95 -3.18
CA PHE A 33 2.08 21.22 -4.23
C PHE A 33 1.83 19.73 -4.01
N PHE A 34 1.52 19.01 -5.08
CA PHE A 34 1.12 17.62 -4.97
C PHE A 34 1.84 16.81 -6.02
N TRP A 35 2.13 15.56 -5.68
CA TRP A 35 2.58 14.55 -6.63
C TRP A 35 1.52 13.46 -6.71
N TYR A 36 0.99 13.22 -7.90
CA TYR A 36 0.06 12.15 -8.14
C TYR A 36 0.73 11.07 -8.92
N ARG A 37 0.35 9.85 -8.63
CA ARG A 37 0.80 8.72 -9.43
C ARG A 37 -0.37 8.10 -10.20
N GLN A 38 -0.20 7.91 -11.48
CA GLN A 38 -1.24 7.32 -12.32
C GLN A 38 -0.70 6.14 -13.10
N TYR A 39 -1.17 4.94 -12.76
CA TYR A 39 -0.86 3.75 -13.53
C TYR A 39 -1.66 3.73 -14.82
N SER A 40 -1.17 2.99 -15.80
CA SER A 40 -1.85 2.85 -17.10
C SER A 40 -3.30 2.36 -16.98
N GLY A 41 -4.22 3.08 -17.62
CA GLY A 41 -5.66 2.80 -17.52
C GLY A 41 -6.31 2.98 -16.15
N LYS A 42 -5.65 3.68 -15.23
CA LYS A 42 -6.18 3.93 -13.88
C LYS A 42 -6.31 5.43 -13.61
N SER A 43 -6.71 5.78 -12.40
CA SER A 43 -6.94 7.17 -11.97
C SER A 43 -5.73 7.64 -11.22
N PRO A 44 -5.43 8.94 -11.26
CA PRO A 44 -4.37 9.50 -10.42
C PRO A 44 -4.67 9.36 -8.93
N GLU A 45 -3.65 8.94 -8.17
CA GLU A 45 -3.75 8.85 -6.70
C GLU A 45 -2.66 9.66 -6.07
N LEU A 46 -3.00 10.41 -5.01
CA LEU A 46 -2.03 11.24 -4.32
C LEU A 46 -0.90 10.42 -3.66
N ILE A 47 0.35 10.67 -4.04
CA ILE A 47 1.47 10.09 -3.26
C ILE A 47 2.11 11.04 -2.25
N MET A 48 2.22 12.33 -2.56
CA MET A 48 2.92 13.26 -1.66
C MET A 48 2.33 14.64 -1.81
N PHE A 49 2.32 15.40 -0.72
CA PHE A 49 2.01 16.83 -0.77
C PHE A 49 3.08 17.62 -0.02
N ILE A 50 3.26 18.86 -0.42
CA ILE A 50 4.23 19.71 0.23
C ILE A 50 3.80 21.15 0.09
N TYR A 51 3.98 21.94 1.15
CA TYR A 51 3.71 23.38 1.06
C TYR A 51 4.80 24.33 1.61
N SER A 52 5.76 23.81 2.37
CA SER A 52 6.87 24.68 2.78
C SER A 52 8.22 24.23 2.21
N ASN A 53 9.13 25.18 2.00
CA ASN A 53 10.45 24.95 1.41
C ASN A 53 11.27 23.92 2.18
N GLY A 54 11.90 23.02 1.44
CA GLY A 54 12.71 21.96 2.06
C GLY A 54 12.34 20.58 1.56
N ASP A 55 12.89 19.57 2.22
CA ASP A 55 12.66 18.18 1.88
C ASP A 55 11.55 17.60 2.73
N LYS A 56 10.79 16.67 2.16
CA LYS A 56 9.81 15.89 2.91
C LYS A 56 9.97 14.44 2.50
N GLU A 57 10.14 13.56 3.48
CA GLU A 57 10.42 12.16 3.21
C GLU A 57 9.26 11.26 3.61
N ASP A 58 8.95 10.27 2.78
CA ASP A 58 7.96 9.24 3.10
C ASP A 58 8.42 7.99 2.39
N GLY A 59 9.02 7.07 3.16
CA GLY A 59 9.50 5.78 2.65
C GLY A 59 10.60 6.00 1.61
N ARG A 60 10.37 5.51 0.40
CA ARG A 60 11.33 5.68 -0.69
C ARG A 60 11.12 7.02 -1.42
N PHE A 61 10.05 7.75 -1.10
CA PHE A 61 9.80 9.04 -1.77
C PHE A 61 10.40 10.20 -1.00
N THR A 62 10.96 11.16 -1.73
CA THR A 62 11.36 12.44 -1.15
C THR A 62 10.82 13.58 -2.02
N ALA A 63 9.95 14.42 -1.47
CA ALA A 63 9.56 15.63 -2.20
C ALA A 63 10.40 16.80 -1.76
N GLN A 64 10.75 17.68 -2.71
CA GLN A 64 11.48 18.93 -2.42
C GLN A 64 10.81 20.11 -3.04
N LEU A 65 10.54 21.10 -2.22
CA LEU A 65 9.98 22.34 -2.69
C LEU A 65 10.99 23.47 -2.50
N ASN A 66 11.13 24.30 -3.54
CA ASN A 66 11.83 25.57 -3.46
C ASN A 66 10.98 26.61 -4.18
N LYS A 67 10.19 27.34 -3.39
CA LYS A 67 9.24 28.32 -3.95
C LYS A 67 9.93 29.52 -4.59
N ALA A 68 11.10 29.88 -4.05
CA ALA A 68 11.94 30.95 -4.62
C ALA A 68 12.43 30.58 -6.03
N SER A 69 12.81 29.30 -6.23
CA SER A 69 13.26 28.86 -7.56
C SER A 69 12.12 28.28 -8.42
N GLN A 70 10.92 28.25 -7.83
CA GLN A 70 9.67 27.84 -8.50
C GLN A 70 9.70 26.45 -9.12
N TYR A 71 10.24 25.48 -8.38
CA TYR A 71 10.17 24.12 -8.84
C TYR A 71 9.67 23.34 -7.67
N VAL A 72 9.22 22.13 -7.96
CA VAL A 72 9.02 21.09 -6.96
C VAL A 72 9.50 19.76 -7.60
N SER A 73 10.07 18.91 -6.77
CA SER A 73 10.62 17.69 -7.28
CA SER A 73 10.70 17.70 -7.23
C SER A 73 10.22 16.47 -6.48
N LEU A 74 10.33 15.31 -7.10
CA LEU A 74 10.10 14.07 -6.39
C LEU A 74 11.27 13.14 -6.67
N LEU A 75 11.89 12.62 -5.62
CA LEU A 75 12.91 11.59 -5.76
C LEU A 75 12.34 10.26 -5.33
N ILE A 76 12.67 9.24 -6.08
CA ILE A 76 12.27 7.89 -5.76
C ILE A 76 13.54 7.06 -5.62
N ARG A 77 13.89 6.72 -4.39
CA ARG A 77 15.09 5.94 -4.07
C ARG A 77 14.75 4.47 -4.37
N ASP A 78 15.77 3.67 -4.73
CA ASP A 78 15.64 2.22 -4.89
C ASP A 78 14.54 1.81 -5.89
N SER A 79 14.52 2.43 -7.07
CA SER A 79 13.36 2.35 -7.97
C SER A 79 13.09 0.90 -8.47
N GLN A 80 11.82 0.50 -8.50
CA GLN A 80 11.41 -0.86 -8.89
C GLN A 80 10.59 -0.75 -10.16
N PRO A 81 10.65 -1.77 -11.04
CA PRO A 81 9.76 -1.76 -12.23
C PRO A 81 8.27 -1.45 -11.96
N SER A 82 7.75 -1.82 -10.78
CA SER A 82 6.38 -1.49 -10.41
C SER A 82 6.17 0.00 -10.06
N ASP A 83 7.24 0.78 -9.97
CA ASP A 83 7.12 2.25 -9.94
C ASP A 83 6.80 2.87 -11.30
N SER A 84 6.86 2.08 -12.38
CA SER A 84 6.60 2.59 -13.71
C SER A 84 5.15 3.06 -13.77
N ALA A 85 4.99 4.35 -14.03
CA ALA A 85 3.71 5.03 -14.03
C ALA A 85 3.91 6.40 -14.58
N THR A 86 2.82 7.15 -14.71
CA THR A 86 2.90 8.56 -15.00
C THR A 86 2.84 9.32 -13.67
N TYR A 87 3.75 10.27 -13.51
CA TYR A 87 3.80 11.09 -12.29
C TYR A 87 3.37 12.47 -12.65
N LEU A 88 2.37 12.96 -11.94
CA LEU A 88 1.69 14.22 -12.24
C LEU A 88 1.91 15.16 -11.09
N CYS A 89 2.49 16.31 -11.43
CA CYS A 89 2.63 17.45 -10.56
C CYS A 89 1.32 18.21 -10.58
N ALA A 90 0.83 18.63 -9.42
CA ALA A 90 -0.36 19.46 -9.32
C ALA A 90 -0.08 20.64 -8.39
N VAL A 91 -0.63 21.81 -8.75
CA VAL A 91 -0.52 23.02 -7.94
C VAL A 91 -1.88 23.70 -7.72
N ASN A 92 -2.14 23.94 -6.46
CA ASN A 92 -3.21 24.72 -5.94
C ASN A 92 -3.00 26.24 -6.10
N PHE A 93 -3.90 26.93 -6.80
CA PHE A 93 -3.80 28.40 -6.98
C PHE A 93 -4.97 29.14 -6.33
N GLY A 94 -4.75 30.39 -5.93
CA GLY A 94 -5.79 31.21 -5.28
C GLY A 94 -6.95 31.54 -6.20
N GLY A 95 -8.18 31.33 -5.71
CA GLY A 95 -9.37 31.43 -6.57
C GLY A 95 -10.05 30.10 -6.94
N GLY A 96 -9.40 28.98 -6.62
CA GLY A 96 -10.01 27.65 -6.81
C GLY A 96 -9.37 26.60 -7.76
N LYS A 97 -8.43 27.02 -8.61
CA LYS A 97 -7.88 26.13 -9.65
C LYS A 97 -6.86 25.14 -9.10
N LEU A 98 -7.07 23.86 -9.41
CA LEU A 98 -6.08 22.84 -9.17
C LEU A 98 -5.53 22.46 -10.55
N ILE A 99 -4.30 22.90 -10.83
CA ILE A 99 -3.71 22.76 -12.16
C ILE A 99 -2.65 21.65 -12.15
N PHE A 100 -2.75 20.75 -13.11
CA PHE A 100 -1.81 19.65 -13.29
C PHE A 100 -0.82 19.94 -14.41
N GLY A 101 0.41 19.48 -14.21
CA GLY A 101 1.37 19.37 -15.30
C GLY A 101 0.96 18.28 -16.29
N GLN A 102 1.75 18.13 -17.35
CA GLN A 102 1.46 17.22 -18.44
C GLN A 102 1.76 15.76 -18.06
N GLY A 103 2.47 15.57 -16.95
CA GLY A 103 2.83 14.26 -16.45
C GLY A 103 4.14 13.78 -17.04
N THR A 104 4.94 13.10 -16.23
CA THR A 104 6.13 12.44 -16.73
C THR A 104 5.93 10.93 -16.58
N GLU A 105 6.05 10.23 -17.69
CA GLU A 105 6.05 8.78 -17.67
C GLU A 105 7.43 8.31 -17.22
N LEU A 106 7.46 7.54 -16.13
CA LEU A 106 8.69 6.93 -15.67
C LEU A 106 8.65 5.47 -16.07
N SER A 107 9.73 4.98 -16.69
CA SER A 107 9.91 3.56 -16.96
CA SER A 107 9.91 3.57 -16.97
C SER A 107 11.12 3.06 -16.19
N VAL A 108 10.87 2.21 -15.19
CA VAL A 108 11.99 1.65 -14.42
C VAL A 108 12.35 0.27 -15.02
N LYS A 109 13.54 0.20 -15.60
CA LYS A 109 13.95 -0.95 -16.40
C LYS A 109 14.54 -2.01 -15.51
N PRO A 110 14.00 -3.23 -15.59
CA PRO A 110 14.57 -4.37 -14.87
C PRO A 110 15.97 -4.75 -15.38
N ASN A 111 16.84 -5.14 -14.44
CA ASN A 111 18.12 -5.69 -14.82
C ASN A 111 17.90 -7.14 -15.21
N ILE A 112 17.96 -7.40 -16.50
CA ILE A 112 17.76 -8.78 -16.99
C ILE A 112 19.02 -9.59 -16.64
N GLN A 113 18.78 -10.53 -15.74
CA GLN A 113 19.69 -11.47 -15.14
C GLN A 113 20.44 -12.30 -16.21
N ASN A 114 19.69 -13.01 -17.02
CA ASN A 114 20.29 -13.86 -18.01
C ASN A 114 19.62 -13.57 -19.33
N PRO A 115 20.08 -12.53 -20.09
CA PRO A 115 19.46 -12.28 -21.39
C PRO A 115 19.51 -13.49 -22.30
N ASP A 116 18.36 -13.86 -22.84
CA ASP A 116 18.36 -15.01 -23.73
C ASP A 116 17.48 -14.65 -24.96
N PRO A 117 17.88 -13.60 -25.74
CA PRO A 117 16.95 -13.09 -26.77
C PRO A 117 16.51 -14.16 -27.76
N ALA A 118 15.19 -14.23 -27.97
CA ALA A 118 14.64 -15.25 -28.83
C ALA A 118 13.42 -14.77 -29.47
N VAL A 119 13.16 -15.26 -30.69
CA VAL A 119 11.86 -15.05 -31.32
C VAL A 119 11.20 -16.39 -31.57
N TYR A 120 10.01 -16.56 -31.01
CA TYR A 120 9.24 -17.83 -31.08
C TYR A 120 7.98 -17.56 -31.89
N GLN A 121 7.56 -18.56 -32.67
CA GLN A 121 6.31 -18.48 -33.42
C GLN A 121 5.25 -19.32 -32.72
N LEU A 122 4.09 -18.75 -32.45
CA LEU A 122 3.05 -19.48 -31.73
C LEU A 122 1.82 -19.63 -32.58
N ARG A 123 1.18 -20.80 -32.51
CA ARG A 123 -0.01 -21.08 -33.29
C ARG A 123 -1.23 -20.82 -32.46
N ASP A 124 -2.31 -20.46 -33.16
CA ASP A 124 -3.63 -20.24 -32.61
C ASP A 124 -4.12 -21.54 -32.04
N SER A 125 -4.73 -21.44 -30.85
CA SER A 125 -5.30 -22.57 -30.13
C SER A 125 -6.55 -23.07 -30.85
N LYS A 126 -7.17 -22.19 -31.63
CA LYS A 126 -8.31 -22.50 -32.47
C LYS A 126 -7.78 -22.85 -33.85
N SER A 127 -8.45 -23.79 -34.52
CA SER A 127 -8.18 -24.18 -35.90
C SER A 127 -8.24 -22.99 -36.85
N SER A 128 -7.07 -22.53 -37.29
CA SER A 128 -6.93 -21.43 -38.25
C SER A 128 -5.55 -21.42 -38.90
N ASP A 129 -5.34 -20.45 -39.77
CA ASP A 129 -4.04 -20.31 -40.40
C ASP A 129 -3.12 -19.33 -39.66
N LYS A 130 -3.55 -18.93 -38.45
CA LYS A 130 -2.94 -17.79 -37.77
C LYS A 130 -1.79 -18.14 -36.84
N SER A 131 -0.80 -17.26 -36.83
CA SER A 131 0.27 -17.34 -35.84
C SER A 131 0.72 -15.94 -35.43
N VAL A 132 1.41 -15.85 -34.29
CA VAL A 132 2.07 -14.61 -33.87
C VAL A 132 3.53 -14.89 -33.56
N CYS A 133 4.36 -13.85 -33.56
CA CYS A 133 5.77 -13.94 -33.31
C CYS A 133 5.93 -13.35 -31.93
N LEU A 134 6.72 -13.99 -31.07
CA LEU A 134 7.03 -13.45 -29.76
C LEU A 134 8.53 -13.27 -29.64
N PHE A 135 8.98 -12.00 -29.63
CA PHE A 135 10.36 -11.65 -29.30
C PHE A 135 10.37 -11.52 -27.78
N THR A 136 11.26 -12.24 -27.08
CA THR A 136 11.23 -12.24 -25.62
C THR A 136 12.64 -12.49 -25.06
N ASP A 137 12.82 -12.14 -23.78
CA ASP A 137 14.01 -12.50 -23.00
C ASP A 137 15.22 -11.66 -23.37
N PHE A 138 14.97 -10.53 -24.04
CA PHE A 138 16.02 -9.59 -24.42
C PHE A 138 16.33 -8.61 -23.28
N ASP A 139 17.47 -7.93 -23.33
CA ASP A 139 17.84 -7.00 -22.26
C ASP A 139 17.01 -5.71 -22.30
N SER A 140 17.03 -4.93 -21.23
CA SER A 140 16.13 -3.81 -21.17
C SER A 140 16.57 -2.60 -21.95
N GLN A 141 17.76 -2.66 -22.55
CA GLN A 141 18.20 -1.55 -23.40
C GLN A 141 17.80 -1.75 -24.86
N THR A 142 17.15 -2.87 -25.18
CA THR A 142 16.67 -3.15 -26.55
C THR A 142 15.53 -2.25 -26.91
N ASN A 143 15.64 -1.57 -28.04
CA ASN A 143 14.56 -0.76 -28.59
C ASN A 143 13.77 -1.58 -29.62
N VAL A 144 12.45 -1.61 -29.47
CA VAL A 144 11.61 -2.27 -30.43
C VAL A 144 10.95 -1.21 -31.32
N SER A 145 11.37 -1.18 -32.57
CA SER A 145 10.86 -0.20 -33.52
C SER A 145 9.47 -0.56 -34.07
N GLN A 146 8.77 0.48 -34.49
CA GLN A 146 7.46 0.33 -35.08
C GLN A 146 7.67 -0.21 -36.47
N SER A 147 6.71 -1.00 -36.92
CA SER A 147 6.69 -1.55 -38.25
C SER A 147 6.74 -0.48 -39.33
N LYS A 148 7.40 -0.83 -40.43
CA LYS A 148 7.50 0.06 -41.57
C LYS A 148 6.59 -0.41 -42.69
N ASP A 149 5.85 -1.47 -42.42
CA ASP A 149 4.91 -2.03 -43.36
C ASP A 149 3.57 -2.01 -42.66
N SER A 150 2.60 -1.40 -43.35
CA SER A 150 1.20 -1.21 -42.92
C SER A 150 0.44 -2.43 -42.44
N ASP A 151 0.76 -3.58 -43.04
CA ASP A 151 0.07 -4.85 -42.77
C ASP A 151 0.91 -5.79 -41.90
N VAL A 152 1.97 -5.27 -41.31
CA VAL A 152 2.76 -6.02 -40.31
C VAL A 152 2.64 -5.26 -39.00
N TYR A 153 2.19 -5.93 -37.95
CA TYR A 153 1.92 -5.23 -36.70
C TYR A 153 2.95 -5.66 -35.70
N ILE A 154 3.54 -4.69 -35.03
CA ILE A 154 4.58 -4.92 -34.04
C ILE A 154 4.24 -4.05 -32.81
N THR A 155 4.12 -4.68 -31.65
CA THR A 155 3.82 -3.98 -30.40
C THR A 155 5.08 -3.34 -29.80
N ASP A 156 4.90 -2.49 -28.79
CA ASP A 156 6.04 -2.04 -28.02
C ASP A 156 6.36 -3.16 -27.03
N LYS A 157 7.51 -3.03 -26.40
CA LYS A 157 7.90 -4.01 -25.42
C LYS A 157 7.14 -3.80 -24.11
N CYS A 158 6.87 -4.87 -23.39
CA CYS A 158 6.43 -4.75 -22.03
C CYS A 158 7.18 -5.72 -21.11
N VAL A 159 7.15 -5.39 -19.83
CA VAL A 159 7.76 -6.18 -18.79
C VAL A 159 6.68 -6.99 -18.08
N LEU A 160 6.86 -8.31 -18.03
CA LEU A 160 6.01 -9.09 -17.16
C LEU A 160 6.85 -9.58 -15.99
N ASP A 161 6.18 -9.83 -14.87
CA ASP A 161 6.83 -10.25 -13.61
C ASP A 161 6.13 -11.52 -13.16
N MET A 162 6.84 -12.63 -13.24
CA MET A 162 6.38 -13.91 -12.67
C MET A 162 6.77 -13.91 -11.18
N ARG A 163 5.90 -13.36 -10.34
CA ARG A 163 6.27 -12.95 -8.97
C ARG A 163 6.76 -14.10 -8.09
N SER A 164 6.13 -15.26 -8.20
CA SER A 164 6.55 -16.45 -7.44
C SER A 164 7.84 -17.14 -7.92
N MET A 165 8.31 -16.82 -9.13
CA MET A 165 9.61 -17.32 -9.58
C MET A 165 10.69 -16.29 -9.41
N ASP A 166 10.29 -15.10 -8.93
CA ASP A 166 11.09 -13.85 -8.94
C ASP A 166 11.79 -13.59 -10.29
N PHE A 167 11.01 -13.62 -11.36
CA PHE A 167 11.61 -13.59 -12.70
C PHE A 167 10.89 -12.55 -13.51
N LYS A 168 11.65 -11.61 -14.09
CA LYS A 168 11.09 -10.60 -14.98
C LYS A 168 11.60 -10.89 -16.38
N SER A 169 10.78 -10.58 -17.37
CA SER A 169 11.21 -10.61 -18.75
C SER A 169 10.45 -9.61 -19.59
N ASN A 170 11.14 -9.19 -20.63
CA ASN A 170 10.68 -8.27 -21.61
C ASN A 170 10.14 -9.06 -22.79
N SER A 171 9.11 -8.53 -23.46
CA SER A 171 8.66 -9.13 -24.71
C SER A 171 8.01 -8.13 -25.65
N ALA A 172 7.91 -8.47 -26.94
CA ALA A 172 7.07 -7.72 -27.85
C ALA A 172 6.49 -8.76 -28.78
N VAL A 173 5.37 -8.42 -29.40
CA VAL A 173 4.64 -9.36 -30.21
C VAL A 173 4.53 -8.77 -31.60
N ALA A 174 4.59 -9.63 -32.62
CA ALA A 174 4.30 -9.26 -33.98
C ALA A 174 3.43 -10.26 -34.63
N TRP A 175 2.69 -9.79 -35.63
CA TRP A 175 1.89 -10.69 -36.45
C TRP A 175 1.55 -10.00 -37.78
N SER A 176 1.03 -10.80 -38.70
CA SER A 176 0.60 -10.27 -40.01
C SER A 176 -0.29 -11.29 -40.66
N ASN A 177 -1.22 -10.82 -41.46
CA ASN A 177 -2.02 -11.72 -42.30
C ASN A 177 -1.49 -11.74 -43.77
N LYS A 178 -0.33 -11.13 -44.04
CA LYS A 178 0.25 -11.17 -45.39
C LYS A 178 0.58 -12.64 -45.77
N SER A 179 0.26 -13.02 -47.01
CA SER A 179 0.41 -14.40 -47.48
C SER A 179 1.84 -14.96 -47.37
N ASP A 180 2.85 -14.13 -47.66
CA ASP A 180 4.25 -14.55 -47.60
C ASP A 180 5.00 -14.04 -46.34
N PHE A 181 4.29 -13.80 -45.23
CA PHE A 181 4.95 -13.30 -44.00
C PHE A 181 5.79 -14.36 -43.24
N ALA A 182 6.98 -13.93 -42.81
CA ALA A 182 7.77 -14.70 -41.86
C ALA A 182 8.03 -13.80 -40.68
N CYS A 183 8.16 -14.37 -39.49
CA CYS A 183 8.40 -13.62 -38.25
C CYS A 183 9.62 -12.70 -38.39
N ALA A 184 10.64 -13.20 -39.07
CA ALA A 184 11.81 -12.40 -39.40
C ALA A 184 11.53 -11.13 -40.20
N ASN A 185 10.46 -11.09 -41.00
CA ASN A 185 10.08 -9.82 -41.65
C ASN A 185 9.70 -8.73 -40.66
N ALA A 186 9.23 -9.10 -39.47
CA ALA A 186 8.94 -8.10 -38.45
C ALA A 186 10.12 -7.90 -37.50
N PHE A 187 10.57 -9.00 -36.87
CA PHE A 187 11.74 -8.96 -35.95
C PHE A 187 12.99 -9.17 -36.78
N ASN A 188 13.40 -8.09 -37.43
CA ASN A 188 14.48 -8.14 -38.42
C ASN A 188 15.75 -7.61 -37.77
N ASN A 189 16.84 -7.43 -38.52
CA ASN A 189 18.09 -6.90 -37.94
C ASN A 189 18.07 -5.46 -37.44
N SER A 190 17.03 -4.68 -37.77
CA SER A 190 16.84 -3.37 -37.15
C SER A 190 16.38 -3.46 -35.68
N ILE A 191 15.87 -4.61 -35.26
CA ILE A 191 15.37 -4.80 -33.89
C ILE A 191 16.19 -5.80 -33.07
N ILE A 192 16.31 -7.05 -33.58
CA ILE A 192 16.91 -8.15 -32.79
C ILE A 192 18.42 -8.05 -32.68
N PRO A 193 18.98 -8.38 -31.49
CA PRO A 193 20.42 -8.35 -31.35
C PRO A 193 21.06 -9.57 -32.00
N GLU A 194 22.39 -9.51 -32.14
CA GLU A 194 23.15 -10.64 -32.66
C GLU A 194 22.92 -11.87 -31.76
N ASP A 195 22.94 -13.05 -32.39
CA ASP A 195 22.70 -14.31 -31.71
C ASP A 195 21.30 -14.40 -31.08
N THR A 196 20.28 -13.83 -31.74
CA THR A 196 18.94 -14.07 -31.27
C THR A 196 18.60 -15.50 -31.67
N PHE A 197 18.06 -16.27 -30.73
CA PHE A 197 17.67 -17.64 -30.99
C PHE A 197 16.34 -17.57 -31.72
N PHE A 198 16.33 -18.03 -32.97
CA PHE A 198 15.14 -17.86 -33.79
C PHE A 198 14.68 -19.22 -34.36
N PRO A 199 14.18 -20.11 -33.50
CA PRO A 199 13.87 -21.47 -34.01
C PRO A 199 12.71 -21.59 -35.03
N SER A 200 12.89 -22.42 -36.06
CA SER A 200 11.83 -22.74 -37.01
C SER A 200 10.73 -23.47 -36.26
N PRO A 201 9.47 -23.05 -36.46
CA PRO A 201 8.36 -23.68 -35.75
C PRO A 201 8.12 -25.08 -36.28
N GLU A 202 7.67 -25.99 -35.44
CA GLU A 202 7.45 -27.35 -35.95
C GLU A 202 5.96 -27.60 -36.14
N MET B 1 -18.33 2.34 3.33
CA MET B 1 -19.82 2.58 3.40
C MET B 1 -20.27 3.83 2.65
N ILE B 2 -19.33 4.73 2.42
CA ILE B 2 -19.54 5.77 1.43
C ILE B 2 -19.25 5.13 0.07
N ALA B 3 -19.97 5.55 -0.96
CA ALA B 3 -19.62 5.12 -2.32
C ALA B 3 -18.42 5.89 -2.89
N GLY B 4 -18.14 7.08 -2.35
CA GLY B 4 -17.03 7.90 -2.85
C GLY B 4 -17.49 8.64 -4.08
N ILE B 5 -16.58 8.92 -5.00
CA ILE B 5 -16.92 9.62 -6.24
C ILE B 5 -17.23 8.65 -7.33
N THR B 6 -18.34 8.84 -8.05
CA THR B 6 -18.66 7.97 -9.14
C THR B 6 -19.07 8.79 -10.36
N GLN B 7 -18.49 8.44 -11.51
CA GLN B 7 -18.85 9.04 -12.78
C GLN B 7 -19.80 8.16 -13.57
N ALA B 8 -20.71 8.78 -14.31
CA ALA B 8 -21.63 8.04 -15.17
C ALA B 8 -21.83 8.79 -16.49
N PRO B 9 -21.84 8.07 -17.63
CA PRO B 9 -21.50 6.68 -17.85
C PRO B 9 -19.99 6.48 -17.74
N THR B 10 -19.60 5.22 -17.75
CA THR B 10 -18.20 4.84 -17.71
C THR B 10 -17.56 4.91 -19.13
N SER B 11 -18.44 4.84 -20.14
CA SER B 11 -18.07 4.91 -21.54
C SER B 11 -19.24 5.45 -22.38
N GLN B 12 -18.91 6.21 -23.42
CA GLN B 12 -19.89 6.72 -24.34
C GLN B 12 -19.31 6.91 -25.75
N ILE B 13 -20.01 6.39 -26.73
CA ILE B 13 -19.78 6.74 -28.12
C ILE B 13 -20.87 7.72 -28.48
N LEU B 14 -20.48 8.88 -28.98
CA LEU B 14 -21.40 9.93 -29.34
C LEU B 14 -21.28 10.23 -30.82
N ALA B 15 -22.41 10.34 -31.51
CA ALA B 15 -22.41 10.89 -32.85
C ALA B 15 -22.16 12.39 -32.73
N ALA B 16 -21.38 12.94 -33.66
CA ALA B 16 -21.08 14.40 -33.72
C ALA B 16 -22.33 15.30 -33.81
N GLY B 17 -22.35 16.39 -33.05
CA GLY B 17 -23.49 17.28 -33.06
C GLY B 17 -24.51 17.01 -31.98
N ARG B 18 -24.40 15.88 -31.30
CA ARG B 18 -25.33 15.53 -30.21
C ARG B 18 -24.95 16.17 -28.86
N ARG B 19 -25.96 16.38 -28.03
CA ARG B 19 -25.78 16.88 -26.66
C ARG B 19 -25.40 15.72 -25.72
N MET B 20 -24.54 15.98 -24.74
CA MET B 20 -24.16 14.92 -23.78
C MET B 20 -23.87 15.51 -22.40
N THR B 21 -24.41 14.90 -21.35
CA THR B 21 -24.03 15.30 -19.99
C THR B 21 -23.28 14.17 -19.28
N LEU B 22 -22.06 14.43 -18.83
CA LEU B 22 -21.36 13.46 -17.99
C LEU B 22 -21.67 13.82 -16.53
N ARG B 23 -21.99 12.80 -15.75
CA ARG B 23 -22.41 13.01 -14.40
C ARG B 23 -21.27 12.65 -13.48
N CYS B 24 -21.20 13.31 -12.36
CA CYS B 24 -20.23 12.97 -11.33
C CYS B 24 -20.93 13.30 -10.04
N THR B 25 -20.95 12.33 -9.14
CA THR B 25 -21.59 12.48 -7.86
C THR B 25 -20.62 11.98 -6.81
N GLN B 26 -20.65 12.55 -5.62
CA GLN B 26 -19.86 12.03 -4.51
C GLN B 26 -20.67 12.19 -3.24
N ASP B 27 -20.53 11.23 -2.35
CA ASP B 27 -21.30 11.25 -1.11
C ASP B 27 -20.36 11.56 0.07
N MET B 28 -19.29 12.28 -0.19
CA MET B 28 -18.34 12.56 0.87
C MET B 28 -18.50 13.93 1.50
N ARG B 29 -19.58 14.64 1.16
CA ARG B 29 -19.79 16.08 1.54
C ARG B 29 -18.60 16.99 1.14
N HIS B 30 -17.95 16.65 0.02
CA HIS B 30 -16.78 17.44 -0.43
C HIS B 30 -17.25 18.74 -1.03
N ASN B 31 -16.55 19.85 -0.77
CA ASN B 31 -17.00 21.11 -1.35
C ASN B 31 -16.46 21.42 -2.73
N ALA B 32 -15.23 21.01 -3.01
CA ALA B 32 -14.61 21.37 -4.27
C ALA B 32 -14.67 20.21 -5.23
N MET B 33 -15.10 20.49 -6.47
CA MET B 33 -15.16 19.48 -7.53
C MET B 33 -14.58 20.03 -8.85
N TYR B 34 -14.07 19.12 -9.69
CA TYR B 34 -13.21 19.47 -10.79
C TYR B 34 -13.52 18.56 -11.96
N TRP B 35 -13.46 19.09 -13.18
CA TRP B 35 -13.50 18.19 -14.36
C TRP B 35 -12.24 18.33 -15.18
N TYR B 36 -11.60 17.21 -15.53
CA TYR B 36 -10.39 17.23 -16.37
C TYR B 36 -10.58 16.38 -17.57
N ARG B 37 -9.90 16.72 -18.67
CA ARG B 37 -9.75 15.79 -19.78
C ARG B 37 -8.28 15.40 -19.86
N GLN B 38 -8.04 14.16 -20.26
CA GLN B 38 -6.67 13.70 -20.38
C GLN B 38 -6.48 13.19 -21.80
N ASP B 39 -5.43 13.68 -22.45
CA ASP B 39 -5.11 13.38 -23.85
C ASP B 39 -3.60 13.18 -23.92
N LEU B 40 -3.18 12.25 -24.78
CA LEU B 40 -1.83 11.66 -24.70
C LEU B 40 -0.62 12.58 -24.68
N GLY B 41 -0.65 13.65 -25.47
CA GLY B 41 0.42 14.64 -25.35
C GLY B 41 0.27 15.57 -24.16
N LEU B 42 -0.98 15.81 -23.77
CA LEU B 42 -1.31 17.02 -23.05
C LEU B 42 -1.45 16.88 -21.54
N GLY B 43 -1.49 15.64 -21.04
CA GLY B 43 -1.75 15.41 -19.61
C GLY B 43 -3.19 15.77 -19.24
N LEU B 44 -3.41 16.11 -17.97
CA LEU B 44 -4.72 16.53 -17.47
C LEU B 44 -4.91 18.02 -17.61
N ARG B 45 -5.94 18.40 -18.33
CA ARG B 45 -6.28 19.78 -18.51
C ARG B 45 -7.62 20.06 -17.85
N LEU B 46 -7.63 21.11 -17.02
CA LEU B 46 -8.83 21.49 -16.26
C LEU B 46 -9.81 22.15 -17.19
N ILE B 47 -11.04 21.63 -17.19
CA ILE B 47 -12.11 22.14 -18.04
C ILE B 47 -12.90 23.23 -17.28
N HIS B 48 -13.40 22.85 -16.12
CA HIS B 48 -14.13 23.74 -15.23
C HIS B 48 -13.90 23.21 -13.83
N TYR B 49 -14.15 24.05 -12.84
CA TYR B 49 -13.96 23.66 -11.46
C TYR B 49 -15.07 24.32 -10.67
N SER B 50 -15.28 23.84 -9.44
CA SER B 50 -16.28 24.42 -8.59
C SER B 50 -15.77 24.29 -7.16
N ASN B 51 -15.36 25.39 -6.54
CA ASN B 51 -14.80 25.32 -5.19
C ASN B 51 -15.81 25.05 -4.08
N THR B 52 -17.09 25.25 -4.41
CA THR B 52 -18.17 25.21 -3.44
C THR B 52 -19.50 25.20 -4.15
N ALA B 53 -20.52 24.65 -3.49
CA ALA B 53 -21.88 24.68 -4.03
C ALA B 53 -22.31 26.11 -4.43
N GLY B 54 -22.78 26.25 -5.66
CA GLY B 54 -23.18 27.53 -6.26
C GLY B 54 -22.10 28.39 -6.93
N THR B 55 -20.84 27.98 -6.89
CA THR B 55 -19.78 28.72 -7.60
C THR B 55 -19.04 27.78 -8.54
N THR B 56 -18.95 28.15 -9.82
CA THR B 56 -18.15 27.43 -10.80
C THR B 56 -17.20 28.45 -11.52
N GLY B 57 -16.09 27.96 -12.05
CA GLY B 57 -15.20 28.80 -12.85
C GLY B 57 -14.67 27.99 -14.00
N LYS B 58 -14.20 28.70 -15.02
CA LYS B 58 -13.56 28.15 -16.23
C LYS B 58 -12.14 27.71 -15.93
N GLY B 59 -11.73 26.57 -16.46
CA GLY B 59 -10.35 26.14 -16.26
C GLY B 59 -9.47 26.55 -17.42
N GLU B 60 -8.57 25.64 -17.81
CA GLU B 60 -7.66 25.88 -18.95
C GLU B 60 -8.36 25.71 -20.28
N VAL B 61 -9.29 24.76 -20.37
CA VAL B 61 -9.96 24.47 -21.65
C VAL B 61 -11.50 24.49 -21.61
N PRO B 62 -12.11 25.65 -21.23
CA PRO B 62 -13.54 25.56 -21.01
C PRO B 62 -14.42 25.52 -22.28
N ASP B 63 -13.90 25.87 -23.46
CA ASP B 63 -14.73 26.06 -24.65
C ASP B 63 -15.40 24.79 -25.10
N GLY B 64 -16.70 24.87 -25.33
CA GLY B 64 -17.51 23.74 -25.77
C GLY B 64 -18.07 22.92 -24.61
N TYR B 65 -17.85 23.37 -23.36
CA TYR B 65 -18.34 22.62 -22.21
C TYR B 65 -19.02 23.62 -21.31
N SER B 66 -20.00 23.16 -20.54
CA SER B 66 -20.47 23.95 -19.43
C SER B 66 -20.71 23.05 -18.22
N VAL B 67 -20.67 23.65 -17.03
CA VAL B 67 -21.05 22.96 -15.82
C VAL B 67 -22.08 23.77 -15.01
N SER B 68 -22.72 23.11 -14.04
CA SER B 68 -23.47 23.81 -13.01
C SER B 68 -23.16 23.16 -11.63
N ARG B 69 -23.48 23.85 -10.56
CA ARG B 69 -23.25 23.31 -9.22
C ARG B 69 -24.40 23.70 -8.29
N ALA B 70 -25.57 23.10 -8.57
CA ALA B 70 -26.80 23.38 -7.80
C ALA B 70 -26.73 22.75 -6.39
N ASN B 71 -25.93 21.70 -6.26
CA ASN B 71 -25.82 20.90 -5.05
C ASN B 71 -24.37 20.48 -4.78
N THR B 72 -24.08 20.16 -3.53
CA THR B 72 -22.75 19.71 -3.09
C THR B 72 -22.36 18.38 -3.73
N ASP B 73 -23.35 17.48 -3.78
CA ASP B 73 -23.23 16.13 -4.30
C ASP B 73 -22.75 16.02 -5.75
N ASP B 74 -23.30 16.86 -6.61
CA ASP B 74 -23.22 16.65 -8.07
C ASP B 74 -22.45 17.75 -8.77
N PHE B 75 -21.78 17.41 -9.88
CA PHE B 75 -21.10 18.35 -10.73
C PHE B 75 -21.24 17.88 -12.20
N PRO B 76 -22.35 18.23 -12.88
CA PRO B 76 -22.50 17.71 -14.25
C PRO B 76 -21.74 18.49 -15.29
N LEU B 77 -21.12 17.77 -16.22
CA LEU B 77 -20.41 18.37 -17.36
C LEU B 77 -21.21 18.18 -18.65
N THR B 78 -21.53 19.28 -19.34
CA THR B 78 -22.41 19.23 -20.50
C THR B 78 -21.65 19.64 -21.76
N LEU B 79 -21.76 18.80 -22.79
CA LEU B 79 -21.27 19.11 -24.12
C LEU B 79 -22.51 19.49 -24.94
N ALA B 80 -22.64 20.77 -25.30
CA ALA B 80 -23.85 21.25 -26.00
C ALA B 80 -23.96 20.66 -27.41
N SER B 81 -22.83 20.55 -28.08
CA SER B 81 -22.80 20.03 -29.44
C SER B 81 -21.46 19.35 -29.67
N ALA B 82 -21.45 18.02 -29.57
CA ALA B 82 -20.20 17.24 -29.50
C ALA B 82 -19.43 17.23 -30.80
N VAL B 83 -18.14 17.50 -30.72
CA VAL B 83 -17.29 17.53 -31.90
C VAL B 83 -16.14 16.53 -31.67
N PRO B 84 -15.54 15.95 -32.75
CA PRO B 84 -14.43 14.99 -32.56
C PRO B 84 -13.22 15.38 -31.68
N SER B 85 -12.88 16.66 -31.58
CA SER B 85 -11.81 17.08 -30.68
C SER B 85 -12.15 16.87 -29.17
N GLN B 86 -13.40 16.55 -28.86
CA GLN B 86 -13.86 16.26 -27.50
C GLN B 86 -13.73 14.78 -27.12
N THR B 87 -13.30 13.97 -28.08
CA THR B 87 -12.84 12.61 -27.80
C THR B 87 -11.69 12.68 -26.80
N SER B 88 -11.88 12.04 -25.64
CA SER B 88 -10.89 12.14 -24.55
C SER B 88 -11.18 11.16 -23.44
N VAL B 89 -10.34 11.20 -22.42
CA VAL B 89 -10.72 10.53 -21.17
C VAL B 89 -11.00 11.65 -20.18
N TYR B 90 -12.21 11.63 -19.63
CA TYR B 90 -12.67 12.66 -18.71
C TYR B 90 -12.59 12.19 -17.25
N PHE B 91 -11.96 12.96 -16.38
CA PHE B 91 -11.88 12.61 -14.93
C PHE B 91 -12.54 13.67 -14.09
N CYS B 92 -13.48 13.25 -13.23
CA CYS B 92 -14.01 14.17 -12.24
C CYS B 92 -13.20 13.92 -10.96
N ALA B 93 -12.95 14.97 -10.20
CA ALA B 93 -12.25 14.81 -8.90
C ALA B 93 -12.96 15.68 -7.88
N SER B 94 -12.79 15.37 -6.59
CA SER B 94 -13.33 16.21 -5.53
C SER B 94 -12.35 16.27 -4.36
N SER B 95 -12.42 17.37 -3.58
CA SER B 95 -11.63 17.48 -2.36
C SER B 95 -12.56 18.12 -1.31
N LEU B 96 -12.29 17.84 -0.05
CA LEU B 96 -13.08 18.32 1.08
C LEU B 96 -13.32 19.82 1.00
N SER B 97 -12.25 20.55 0.78
CA SER B 97 -12.30 21.98 0.57
C SER B 97 -11.23 22.35 -0.42
N PHE B 98 -11.33 23.57 -0.95
CA PHE B 98 -10.32 24.04 -1.91
C PHE B 98 -8.95 23.91 -1.27
N GLY B 99 -8.01 23.25 -1.94
CA GLY B 99 -6.71 23.00 -1.33
C GLY B 99 -6.42 21.69 -0.64
N THR B 100 -7.42 20.84 -0.46
CA THR B 100 -7.10 19.59 0.21
C THR B 100 -6.88 18.50 -0.86
N GLU B 101 -6.60 17.27 -0.43
CA GLU B 101 -6.38 16.13 -1.34
C GLU B 101 -7.55 15.92 -2.31
N ALA B 102 -7.26 15.90 -3.61
CA ALA B 102 -8.26 15.52 -4.63
C ALA B 102 -8.37 14.01 -4.81
N PHE B 103 -9.60 13.51 -4.82
CA PHE B 103 -9.85 12.08 -5.02
C PHE B 103 -10.47 11.98 -6.41
N PHE B 104 -9.95 11.12 -7.27
CA PHE B 104 -10.47 11.04 -8.64
C PHE B 104 -11.49 9.93 -8.83
N GLY B 105 -12.48 10.13 -9.70
CA GLY B 105 -13.34 9.03 -10.11
C GLY B 105 -12.62 8.08 -11.08
N GLN B 106 -13.35 7.14 -11.66
CA GLN B 106 -12.74 6.07 -12.48
C GLN B 106 -12.41 6.59 -13.90
N GLY B 107 -13.04 7.67 -14.34
CA GLY B 107 -12.75 8.12 -15.68
C GLY B 107 -13.88 7.69 -16.61
N THR B 108 -14.10 8.51 -17.63
CA THR B 108 -15.10 8.24 -18.66
C THR B 108 -14.40 8.36 -20.02
N ARG B 109 -14.37 7.25 -20.77
CA ARG B 109 -13.92 7.27 -22.16
C ARG B 109 -15.07 7.74 -22.99
N LEU B 110 -14.89 8.89 -23.63
CA LEU B 110 -15.88 9.39 -24.53
C LEU B 110 -15.23 9.47 -25.93
N THR B 111 -15.82 8.79 -26.93
CA THR B 111 -15.37 8.99 -28.30
C THR B 111 -16.48 9.61 -29.10
N VAL B 112 -16.20 10.74 -29.73
CA VAL B 112 -17.15 11.36 -30.62
C VAL B 112 -16.80 10.95 -32.06
N VAL B 113 -17.71 10.25 -32.72
CA VAL B 113 -17.52 9.74 -34.09
C VAL B 113 -18.43 10.48 -35.08
N GLU B 114 -17.93 10.70 -36.30
CA GLU B 114 -18.75 11.32 -37.35
C GLU B 114 -19.64 10.29 -38.02
N ASP B 115 -19.21 9.03 -37.90
CA ASP B 115 -19.88 7.93 -38.57
C ASP B 115 -19.96 6.73 -37.63
N LEU B 116 -21.18 6.40 -37.21
CA LEU B 116 -21.43 5.26 -36.33
C LEU B 116 -21.16 3.84 -36.85
N ASN B 117 -21.11 3.61 -38.15
CA ASN B 117 -20.85 2.21 -38.52
C ASN B 117 -19.39 1.92 -38.82
N LYS B 118 -18.54 2.87 -38.42
CA LYS B 118 -17.13 2.66 -38.14
C LYS B 118 -16.91 1.85 -36.83
N VAL B 119 -17.96 1.67 -36.02
CA VAL B 119 -17.85 1.01 -34.71
C VAL B 119 -17.88 -0.53 -34.85
N PHE B 120 -16.86 -1.21 -34.33
CA PHE B 120 -16.74 -2.68 -34.42
C PHE B 120 -16.24 -3.24 -33.08
N PRO B 121 -16.79 -4.41 -32.67
CA PRO B 121 -16.29 -5.17 -31.53
C PRO B 121 -14.96 -5.80 -31.89
N PRO B 122 -14.16 -6.21 -30.87
CA PRO B 122 -12.95 -6.99 -31.19
C PRO B 122 -13.24 -8.43 -31.54
N GLU B 123 -12.35 -9.05 -32.31
CA GLU B 123 -12.26 -10.50 -32.37
C GLU B 123 -11.10 -10.86 -31.48
N VAL B 124 -11.17 -12.02 -30.82
CA VAL B 124 -10.17 -12.41 -29.81
C VAL B 124 -9.65 -13.81 -30.10
N ALA B 125 -8.33 -13.98 -30.02
CA ALA B 125 -7.68 -15.27 -30.21
C ALA B 125 -6.54 -15.43 -29.23
N VAL B 126 -6.36 -16.65 -28.74
CA VAL B 126 -5.26 -17.03 -27.89
C VAL B 126 -4.33 -17.94 -28.67
N PHE B 127 -3.05 -17.67 -28.54
CA PHE B 127 -2.03 -18.38 -29.23
C PHE B 127 -1.25 -19.15 -28.17
N GLU B 128 -0.99 -20.42 -28.48
CA GLU B 128 -0.46 -21.38 -27.51
C GLU B 128 1.04 -21.28 -27.46
N PRO B 129 1.68 -21.56 -26.29
CA PRO B 129 3.13 -21.45 -26.17
C PRO B 129 3.88 -22.29 -27.15
N SER B 130 4.97 -21.76 -27.67
CA SER B 130 5.72 -22.52 -28.66
C SER B 130 6.51 -23.61 -27.96
N GLU B 131 6.63 -24.75 -28.63
CA GLU B 131 7.41 -25.87 -28.13
C GLU B 131 8.89 -25.57 -27.99
N ALA B 132 9.40 -24.70 -28.85
CA ALA B 132 10.78 -24.25 -28.74
C ALA B 132 11.00 -23.37 -27.50
N GLU B 133 10.02 -22.54 -27.12
CA GLU B 133 10.15 -21.80 -25.85
C GLU B 133 10.21 -22.72 -24.63
N ILE B 134 9.32 -23.71 -24.64
CA ILE B 134 9.15 -24.66 -23.53
C ILE B 134 10.45 -25.43 -23.34
N SER B 135 11.00 -25.87 -24.47
CA SER B 135 12.28 -26.59 -24.51
C SER B 135 13.47 -25.74 -24.09
N HIS B 136 13.54 -24.50 -24.57
CA HIS B 136 14.66 -23.59 -24.27
C HIS B 136 14.68 -23.02 -22.86
N THR B 137 13.51 -22.77 -22.26
CA THR B 137 13.45 -21.98 -21.04
C THR B 137 12.69 -22.64 -19.88
N GLN B 138 11.96 -23.72 -20.13
CA GLN B 138 10.99 -24.33 -19.17
C GLN B 138 9.90 -23.33 -18.76
N LYS B 139 9.56 -22.40 -19.68
CA LYS B 139 8.50 -21.43 -19.46
C LYS B 139 7.63 -21.43 -20.70
N ALA B 140 6.47 -20.81 -20.61
CA ALA B 140 5.44 -21.00 -21.60
C ALA B 140 4.63 -19.74 -21.62
N THR B 141 4.75 -18.98 -22.72
CA THR B 141 4.06 -17.70 -22.84
C THR B 141 2.87 -17.86 -23.78
N LEU B 142 1.69 -17.51 -23.29
CA LEU B 142 0.50 -17.43 -24.11
C LEU B 142 0.35 -16.00 -24.55
N VAL B 143 -0.15 -15.81 -25.76
CA VAL B 143 -0.45 -14.49 -26.28
C VAL B 143 -1.92 -14.40 -26.61
N CYS B 144 -2.56 -13.35 -26.11
CA CYS B 144 -3.90 -13.00 -26.55
C CYS B 144 -3.84 -11.83 -27.52
N LEU B 145 -4.61 -11.87 -28.61
CA LEU B 145 -4.77 -10.71 -29.52
C LEU B 145 -6.20 -10.29 -29.62
N ALA B 146 -6.45 -9.01 -29.42
CA ALA B 146 -7.77 -8.45 -29.71
C ALA B 146 -7.60 -7.63 -30.94
N THR B 147 -8.40 -7.89 -31.97
CA THR B 147 -8.18 -7.19 -33.25
C THR B 147 -9.49 -6.64 -33.83
N GLY B 148 -9.35 -5.68 -34.73
CA GLY B 148 -10.47 -5.17 -35.52
C GLY B 148 -11.45 -4.28 -34.78
N PHE B 149 -11.07 -3.75 -33.61
CA PHE B 149 -12.02 -2.94 -32.84
C PHE B 149 -11.94 -1.46 -33.06
N TYR B 150 -13.09 -0.82 -32.93
CA TYR B 150 -13.19 0.62 -33.01
C TYR B 150 -14.44 1.04 -32.22
N PRO B 151 -14.33 2.09 -31.40
CA PRO B 151 -13.14 2.85 -31.03
C PRO B 151 -12.33 2.08 -29.98
N ASP B 152 -11.30 2.68 -29.41
CA ASP B 152 -10.43 1.86 -28.53
C ASP B 152 -10.90 1.65 -27.07
N HIS B 153 -12.19 1.39 -26.88
CA HIS B 153 -12.75 1.25 -25.54
C HIS B 153 -12.70 -0.22 -25.14
N VAL B 154 -11.51 -0.75 -24.82
CA VAL B 154 -11.37 -2.13 -24.35
C VAL B 154 -10.58 -2.31 -23.06
N GLU B 155 -10.89 -3.39 -22.34
CA GLU B 155 -10.22 -3.82 -21.11
C GLU B 155 -9.98 -5.30 -21.27
N LEU B 156 -8.71 -5.69 -21.28
CA LEU B 156 -8.32 -7.06 -21.46
C LEU B 156 -7.90 -7.62 -20.11
N SER B 157 -8.36 -8.85 -19.83
CA SER B 157 -7.97 -9.58 -18.63
C SER B 157 -7.71 -11.03 -18.93
N TRP B 158 -6.87 -11.63 -18.12
CA TRP B 158 -6.59 -13.06 -18.15
C TRP B 158 -7.20 -13.78 -16.94
N TRP B 159 -7.69 -14.99 -17.19
CA TRP B 159 -8.42 -15.81 -16.21
C TRP B 159 -7.87 -17.22 -16.28
N VAL B 160 -7.28 -17.69 -15.20
CA VAL B 160 -6.75 -19.02 -15.12
C VAL B 160 -7.60 -19.81 -14.12
N ASN B 161 -8.21 -20.88 -14.62
CA ASN B 161 -9.18 -21.73 -13.89
C ASN B 161 -10.25 -20.92 -13.20
N GLY B 162 -10.94 -20.08 -13.98
CA GLY B 162 -11.89 -19.12 -13.46
C GLY B 162 -11.47 -17.98 -12.52
N LYS B 163 -10.18 -17.78 -12.29
CA LYS B 163 -9.71 -16.68 -11.42
C LYS B 163 -8.78 -15.71 -12.18
N GLU B 164 -8.97 -14.42 -12.00
CA GLU B 164 -8.19 -13.43 -12.74
C GLU B 164 -6.73 -13.41 -12.27
N VAL B 165 -5.79 -13.47 -13.21
CA VAL B 165 -4.40 -13.36 -12.85
C VAL B 165 -3.77 -12.05 -13.28
N HIS B 166 -2.76 -11.65 -12.53
CA HIS B 166 -2.01 -10.43 -12.79
C HIS B 166 -0.54 -10.78 -12.83
N SER B 167 -0.17 -11.84 -12.11
CA SER B 167 1.25 -12.24 -12.07
C SER B 167 1.59 -12.89 -13.40
N GLY B 168 2.77 -12.57 -13.92
CA GLY B 168 3.23 -13.10 -15.22
C GLY B 168 2.48 -12.56 -16.44
N VAL B 169 1.69 -11.50 -16.24
CA VAL B 169 0.96 -10.79 -17.29
C VAL B 169 1.63 -9.45 -17.66
N CYS B 170 1.67 -9.12 -18.96
CA CYS B 170 1.68 -7.72 -19.38
C CYS B 170 0.87 -7.52 -20.64
N THR B 171 0.20 -6.39 -20.72
CA THR B 171 -0.71 -6.06 -21.82
C THR B 171 -0.14 -4.75 -22.36
N ASP B 172 -0.08 -4.59 -23.68
CA ASP B 172 0.23 -3.27 -24.29
C ASP B 172 -0.54 -2.12 -23.62
N PRO B 173 0.14 -0.98 -23.33
CA PRO B 173 -0.53 0.18 -22.69
C PRO B 173 -1.42 0.92 -23.69
N GLN B 174 -1.08 0.85 -24.97
CA GLN B 174 -1.89 1.49 -26.00
C GLN B 174 -2.16 0.45 -27.10
N PRO B 175 -3.38 0.42 -27.61
CA PRO B 175 -3.68 -0.37 -28.83
C PRO B 175 -2.91 0.21 -30.02
N LEU B 176 -2.68 -0.57 -31.05
CA LEU B 176 -2.08 -0.03 -32.24
C LEU B 176 -3.12 0.07 -33.38
N LYS B 177 -2.88 0.93 -34.35
CA LYS B 177 -3.79 1.07 -35.49
C LYS B 177 -3.50 0.00 -36.52
N GLU B 178 -4.54 -0.69 -36.98
CA GLU B 178 -4.40 -1.67 -38.07
C GLU B 178 -4.16 -0.99 -39.43
N GLN B 179 -4.70 0.18 -39.62
CA GLN B 179 -4.43 0.92 -40.84
C GLN B 179 -4.13 2.38 -40.50
N PRO B 180 -2.87 2.71 -40.16
CA PRO B 180 -2.56 4.05 -39.63
C PRO B 180 -2.75 5.22 -40.62
N ALA B 181 -2.80 4.93 -41.92
CA ALA B 181 -3.12 5.96 -42.93
C ALA B 181 -4.56 6.45 -42.81
N LEU B 182 -5.46 5.64 -42.25
CA LEU B 182 -6.86 5.98 -42.11
C LEU B 182 -7.12 6.57 -40.72
N ASN B 183 -7.76 7.74 -40.63
CA ASN B 183 -7.98 8.34 -39.27
C ASN B 183 -9.20 7.82 -38.46
N ASP B 184 -9.76 6.73 -38.94
CA ASP B 184 -10.88 6.00 -38.38
C ASP B 184 -10.45 4.51 -38.26
N SER B 185 -9.14 4.25 -38.38
CA SER B 185 -8.57 2.89 -38.35
C SER B 185 -9.09 2.06 -37.18
N ARG B 186 -9.41 0.79 -37.42
CA ARG B 186 -9.62 -0.17 -36.36
C ARG B 186 -8.31 -0.44 -35.58
N TYR B 187 -8.44 -1.06 -34.41
CA TYR B 187 -7.31 -1.21 -33.49
C TYR B 187 -7.04 -2.64 -33.15
N ALA B 188 -5.83 -2.89 -32.65
CA ALA B 188 -5.45 -4.19 -32.13
C ALA B 188 -4.70 -4.01 -30.83
N LEU B 189 -4.82 -5.00 -29.94
CA LEU B 189 -4.16 -4.96 -28.63
C LEU B 189 -3.67 -6.34 -28.32
N SER B 190 -2.47 -6.48 -27.76
CA SER B 190 -2.02 -7.79 -27.38
C SER B 190 -1.70 -7.88 -25.90
N SER B 191 -1.66 -9.12 -25.42
CA SER B 191 -1.24 -9.36 -24.04
C SER B 191 -0.52 -10.66 -23.92
N ARG B 192 0.42 -10.73 -22.98
CA ARG B 192 1.04 -12.02 -22.68
C ARG B 192 0.71 -12.50 -21.30
N LEU B 193 0.71 -13.83 -21.16
CA LEU B 193 0.65 -14.48 -19.85
C LEU B 193 1.70 -15.56 -19.91
N ARG B 194 2.64 -15.50 -18.97
CA ARG B 194 3.69 -16.49 -18.98
C ARG B 194 3.63 -17.34 -17.72
N VAL B 195 3.70 -18.66 -17.89
CA VAL B 195 3.59 -19.61 -16.76
C VAL B 195 4.78 -20.57 -16.88
N SER B 196 5.00 -21.43 -15.89
CA SER B 196 6.01 -22.49 -15.99
C SER B 196 5.52 -23.49 -17.05
N ALA B 197 6.48 -24.15 -17.71
CA ALA B 197 6.19 -25.26 -18.64
C ALA B 197 5.31 -26.33 -17.99
N THR B 198 5.53 -26.68 -16.72
CA THR B 198 4.69 -27.71 -16.10
C THR B 198 3.23 -27.27 -15.86
N PHE B 199 3.00 -25.98 -15.64
CA PHE B 199 1.64 -25.45 -15.52
C PHE B 199 0.85 -25.54 -16.83
N TRP B 200 1.45 -25.01 -17.89
CA TRP B 200 0.97 -25.20 -19.27
C TRP B 200 0.80 -26.68 -19.64
N GLN B 201 1.65 -27.56 -19.13
CA GLN B 201 1.55 -28.98 -19.51
C GLN B 201 0.42 -29.78 -18.84
N ASP B 202 -0.18 -29.20 -17.82
CA ASP B 202 -1.25 -29.84 -17.08
C ASP B 202 -2.56 -29.60 -17.80
N PRO B 203 -3.18 -30.68 -18.34
CA PRO B 203 -4.44 -30.56 -19.09
C PRO B 203 -5.67 -30.17 -18.25
N ARG B 204 -5.52 -30.13 -16.93
CA ARG B 204 -6.54 -29.53 -16.06
C ARG B 204 -6.53 -27.98 -16.04
N ASN B 205 -5.49 -27.33 -16.58
CA ASN B 205 -5.42 -25.85 -16.49
C ASN B 205 -6.13 -25.22 -17.66
N HIS B 206 -6.98 -24.22 -17.34
CA HIS B 206 -7.81 -23.50 -18.32
C HIS B 206 -7.38 -22.05 -18.34
N PHE B 207 -7.17 -21.50 -19.53
CA PHE B 207 -6.61 -20.16 -19.70
C PHE B 207 -7.59 -19.45 -20.55
N ARG B 208 -8.01 -18.27 -20.12
CA ARG B 208 -8.95 -17.48 -20.88
C ARG B 208 -8.53 -16.02 -20.88
N CYS B 209 -8.54 -15.43 -22.07
CA CYS B 209 -8.30 -14.02 -22.29
C CYS B 209 -9.70 -13.44 -22.55
N GLN B 210 -10.09 -12.42 -21.82
CA GLN B 210 -11.44 -11.85 -21.91
C GLN B 210 -11.28 -10.40 -22.29
N VAL B 211 -12.04 -9.95 -23.29
CA VAL B 211 -11.97 -8.54 -23.66
C VAL B 211 -13.36 -7.92 -23.52
N GLN B 212 -13.47 -7.01 -22.57
CA GLN B 212 -14.64 -6.18 -22.42
C GLN B 212 -14.55 -5.03 -23.44
N PHE B 213 -15.56 -4.93 -24.30
CA PHE B 213 -15.66 -3.86 -25.28
C PHE B 213 -16.77 -2.94 -24.85
N TYR B 214 -16.57 -1.65 -24.93
CA TYR B 214 -17.67 -0.71 -24.75
C TYR B 214 -18.08 -0.09 -26.07
N GLY B 215 -19.33 -0.34 -26.42
CA GLY B 215 -19.85 0.07 -27.70
C GLY B 215 -21.07 0.97 -27.65
N LEU B 216 -22.00 0.68 -28.56
CA LEU B 216 -23.26 1.38 -28.64
C LEU B 216 -24.16 0.86 -27.54
N SER B 217 -25.01 1.74 -27.02
CA SER B 217 -25.93 1.39 -25.93
C SER B 217 -27.17 0.73 -26.51
N GLU B 218 -28.07 0.25 -25.65
CA GLU B 218 -29.32 -0.38 -26.10
C GLU B 218 -30.29 0.65 -26.76
N ASN B 219 -30.15 1.92 -26.40
CA ASN B 219 -30.85 3.02 -27.05
C ASN B 219 -30.58 3.28 -28.54
N ASP B 220 -29.34 3.04 -28.99
CA ASP B 220 -28.85 3.56 -30.28
C ASP B 220 -29.42 2.83 -31.49
N GLU B 221 -29.53 3.49 -32.62
CA GLU B 221 -30.20 2.82 -33.73
C GLU B 221 -29.23 2.14 -34.70
N TRP B 222 -29.65 0.98 -35.23
CA TRP B 222 -28.74 0.16 -36.01
C TRP B 222 -29.40 -0.47 -37.21
N THR B 223 -28.78 -0.25 -38.36
CA THR B 223 -29.41 -0.64 -39.59
C THR B 223 -28.55 -1.54 -40.53
N GLN B 224 -27.30 -1.80 -40.15
CA GLN B 224 -26.36 -2.61 -40.95
C GLN B 224 -26.69 -4.11 -40.90
N ASP B 225 -26.12 -4.87 -41.85
CA ASP B 225 -26.27 -6.34 -41.86
C ASP B 225 -25.72 -7.00 -40.58
N ARG B 226 -24.50 -6.64 -40.21
CA ARG B 226 -23.81 -7.16 -39.02
C ARG B 226 -24.55 -6.80 -37.73
N ALA B 227 -24.27 -7.56 -36.68
CA ALA B 227 -24.86 -7.31 -35.38
C ALA B 227 -24.53 -5.88 -34.91
N LYS B 228 -25.46 -5.31 -34.15
CA LYS B 228 -25.24 -4.07 -33.49
C LYS B 228 -24.00 -4.22 -32.57
N PRO B 229 -23.01 -3.32 -32.72
CA PRO B 229 -21.78 -3.43 -31.92
C PRO B 229 -21.96 -2.90 -30.51
N VAL B 230 -22.71 -3.64 -29.71
CA VAL B 230 -23.03 -3.27 -28.34
C VAL B 230 -21.82 -3.48 -27.43
N THR B 231 -21.87 -2.84 -26.28
CA THR B 231 -21.06 -3.21 -25.15
C THR B 231 -21.17 -4.70 -24.87
N GLN B 232 -20.04 -5.41 -24.88
CA GLN B 232 -20.02 -6.86 -24.86
C GLN B 232 -18.65 -7.39 -24.45
N ILE B 233 -18.62 -8.66 -24.04
CA ILE B 233 -17.40 -9.39 -23.75
C ILE B 233 -17.12 -10.39 -24.88
N VAL B 234 -15.90 -10.33 -25.43
CA VAL B 234 -15.43 -11.32 -26.37
C VAL B 234 -14.25 -12.05 -25.75
N SER B 235 -14.28 -13.38 -25.75
CA SER B 235 -13.24 -14.18 -25.16
C SER B 235 -12.64 -15.20 -26.11
N ALA B 236 -11.48 -15.72 -25.73
CA ALA B 236 -10.94 -16.93 -26.35
C ALA B 236 -10.17 -17.70 -25.28
N GLU B 237 -9.97 -18.98 -25.50
CA GLU B 237 -9.45 -19.81 -24.46
C GLU B 237 -8.57 -20.91 -25.00
N ALA B 238 -7.79 -21.49 -24.10
CA ALA B 238 -7.00 -22.67 -24.41
C ALA B 238 -6.93 -23.56 -23.17
N TRP B 239 -6.75 -24.85 -23.39
CA TRP B 239 -6.47 -25.79 -22.30
C TRP B 239 -5.03 -26.16 -22.35
N GLY B 240 -4.45 -26.42 -21.18
CA GLY B 240 -3.13 -27.03 -21.07
C GLY B 240 -2.95 -28.34 -21.86
N ARG B 241 -1.72 -28.62 -22.27
CA ARG B 241 -1.38 -29.73 -23.21
C ARG B 241 -0.07 -30.36 -22.77
N ALA B 242 -0.07 -31.66 -22.57
CA ALA B 242 1.16 -32.36 -22.19
C ALA B 242 2.16 -32.47 -23.36
N ASP B 243 1.64 -32.48 -24.58
CA ASP B 243 2.40 -32.98 -25.72
C ASP B 243 2.87 -31.90 -26.68
N LYS C 2 -22.57 -12.11 24.29
CA LYS C 2 -21.70 -10.92 24.15
C LYS C 2 -21.88 -10.40 22.73
N GLU C 3 -21.62 -9.12 22.53
CA GLU C 3 -21.96 -8.48 21.27
C GLU C 3 -21.01 -8.95 20.14
N VAL C 4 -19.69 -8.85 20.32
CA VAL C 4 -18.72 -9.25 19.28
C VAL C 4 -17.58 -10.03 19.91
N GLU C 5 -17.28 -11.24 19.43
CA GLU C 5 -16.24 -12.07 20.05
C GLU C 5 -15.16 -12.64 19.12
N GLN C 6 -13.90 -12.55 19.56
CA GLN C 6 -12.77 -13.18 18.88
C GLN C 6 -11.89 -13.91 19.91
N ASN C 7 -11.22 -14.96 19.47
CA ASN C 7 -10.15 -15.57 20.26
C ASN C 7 -8.89 -14.70 20.16
N SER C 8 -8.13 -14.63 21.23
CA SER C 8 -7.10 -13.62 21.37
C SER C 8 -5.82 -13.98 20.63
N GLY C 9 -5.62 -15.29 20.49
CA GLY C 9 -4.35 -15.82 20.01
C GLY C 9 -3.26 -15.70 21.06
N PRO C 10 -1.99 -15.55 20.65
CA PRO C 10 -1.47 -15.40 19.29
C PRO C 10 -1.71 -16.61 18.38
N LEU C 11 -2.07 -16.31 17.13
CA LEU C 11 -2.11 -17.29 16.07
C LEU C 11 -0.79 -17.20 15.29
N SER C 12 -0.16 -18.35 15.12
CA SER C 12 1.10 -18.46 14.41
C SER C 12 0.91 -19.10 13.03
N VAL C 13 1.31 -18.38 11.99
CA VAL C 13 1.17 -18.80 10.61
C VAL C 13 2.57 -18.74 10.00
N PRO C 14 2.99 -19.78 9.25
CA PRO C 14 4.29 -19.67 8.57
C PRO C 14 4.19 -18.74 7.38
N GLU C 15 5.20 -17.87 7.22
CA GLU C 15 5.36 -17.02 6.05
C GLU C 15 5.01 -17.72 4.75
N GLY C 16 4.07 -17.12 4.00
CA GLY C 16 3.61 -17.65 2.73
C GLY C 16 2.30 -18.44 2.77
N ALA C 17 1.99 -19.03 3.93
CA ALA C 17 0.74 -19.80 4.12
C ALA C 17 -0.48 -18.86 4.26
N ILE C 18 -1.67 -19.41 4.21
CA ILE C 18 -2.91 -18.68 4.46
C ILE C 18 -3.12 -18.51 5.99
N ALA C 19 -3.35 -17.27 6.42
CA ALA C 19 -3.81 -16.95 7.78
C ALA C 19 -5.31 -16.84 7.74
N SER C 20 -5.95 -17.33 8.78
CA SER C 20 -7.40 -17.36 8.88
C SER C 20 -7.87 -16.85 10.23
N LEU C 21 -8.79 -15.88 10.22
CA LEU C 21 -9.20 -15.23 11.45
C LEU C 21 -10.68 -15.20 11.45
N ASN C 22 -11.26 -15.46 12.62
CA ASN C 22 -12.68 -15.54 12.71
C ASN C 22 -13.23 -14.70 13.88
N CYS C 23 -14.49 -14.37 13.76
CA CYS C 23 -15.17 -13.51 14.67
C CYS C 23 -16.62 -13.93 14.71
N THR C 24 -17.21 -13.94 15.89
CA THR C 24 -18.66 -14.20 16.00
C THR C 24 -19.36 -13.01 16.68
N TYR C 25 -20.69 -12.96 16.57
CA TYR C 25 -21.46 -11.79 17.01
C TYR C 25 -22.92 -12.18 17.31
N SER C 26 -23.64 -11.37 18.09
CA SER C 26 -25.09 -11.57 18.29
C SER C 26 -25.82 -11.32 16.99
N ASP C 27 -26.85 -12.07 16.66
CA ASP C 27 -27.72 -11.52 15.62
C ASP C 27 -28.84 -10.66 16.15
N ARG C 28 -28.43 -9.48 16.61
CA ARG C 28 -29.27 -8.33 16.94
C ARG C 28 -29.70 -7.71 15.64
N GLY C 29 -29.50 -6.40 15.55
CA GLY C 29 -29.49 -5.69 14.29
C GLY C 29 -28.05 -5.44 13.93
N SER C 30 -27.30 -6.52 13.64
CA SER C 30 -25.95 -6.42 13.10
C SER C 30 -26.07 -5.98 11.65
N GLN C 31 -25.54 -4.79 11.34
CA GLN C 31 -25.74 -4.19 10.01
C GLN C 31 -24.56 -4.32 9.05
N SER C 32 -23.35 -4.08 9.56
CA SER C 32 -22.15 -4.17 8.76
C SER C 32 -20.94 -4.58 9.61
N PHE C 33 -19.88 -5.00 8.94
CA PHE C 33 -18.82 -5.78 9.57
C PHE C 33 -17.47 -5.26 9.07
N PHE C 34 -16.52 -5.10 9.99
CA PHE C 34 -15.29 -4.45 9.68
C PHE C 34 -14.13 -5.27 10.22
N TRP C 35 -13.04 -5.30 9.48
CA TRP C 35 -11.79 -5.82 9.99
C TRP C 35 -10.82 -4.66 10.02
N TYR C 36 -10.31 -4.36 11.20
CA TYR C 36 -9.29 -3.38 11.40
C TYR C 36 -7.98 -4.04 11.76
N ARG C 37 -6.88 -3.47 11.26
CA ARG C 37 -5.54 -3.98 11.55
C ARG C 37 -4.81 -2.99 12.45
N GLN C 38 -4.19 -3.47 13.52
CA GLN C 38 -3.46 -2.61 14.42
C GLN C 38 -2.05 -3.13 14.70
N TYR C 39 -1.03 -2.37 14.26
CA TYR C 39 0.36 -2.71 14.62
C TYR C 39 0.61 -2.34 16.06
N SER C 40 1.59 -3.01 16.68
CA SER C 40 1.90 -2.76 18.08
C SER C 40 2.36 -1.32 18.28
N GLY C 41 1.80 -0.65 19.29
CA GLY C 41 2.03 0.78 19.51
C GLY C 41 1.39 1.77 18.53
N LYS C 42 0.67 1.28 17.51
CA LYS C 42 0.00 2.11 16.50
C LYS C 42 -1.52 2.13 16.67
N SER C 43 -2.20 2.68 15.66
CA SER C 43 -3.65 2.85 15.68
C SER C 43 -4.30 1.83 14.77
N PRO C 44 -5.55 1.43 15.07
CA PRO C 44 -6.28 0.57 14.13
C PRO C 44 -6.66 1.29 12.83
N GLU C 45 -6.48 0.57 11.70
CA GLU C 45 -6.80 1.07 10.37
C GLU C 45 -7.68 0.05 9.68
N LEU C 46 -8.72 0.53 9.00
CA LEU C 46 -9.65 -0.32 8.29
C LEU C 46 -8.97 -1.01 7.12
N ILE C 47 -9.10 -2.33 7.04
CA ILE C 47 -8.60 -3.04 5.86
C ILE C 47 -9.69 -3.65 5.01
N MET C 48 -10.80 -4.08 5.60
CA MET C 48 -11.91 -4.70 4.86
C MET C 48 -13.21 -4.31 5.52
N PHE C 49 -14.25 -4.09 4.73
CA PHE C 49 -15.60 -4.07 5.27
C PHE C 49 -16.47 -5.01 4.45
N ILE C 50 -17.50 -5.59 5.06
CA ILE C 50 -18.42 -6.43 4.35
C ILE C 50 -19.79 -6.28 4.97
N TYR C 51 -20.85 -6.28 4.16
CA TYR C 51 -22.20 -6.22 4.74
C TYR C 51 -23.20 -7.22 4.14
N SER C 52 -22.80 -7.96 3.10
CA SER C 52 -23.67 -8.98 2.51
C SER C 52 -23.03 -10.36 2.61
N ASN C 53 -23.86 -11.38 2.82
CA ASN C 53 -23.45 -12.79 2.85
C ASN C 53 -22.65 -13.21 1.62
N GLY C 54 -21.50 -13.85 1.84
CA GLY C 54 -20.61 -14.24 0.75
C GLY C 54 -19.19 -13.75 0.96
N ASP C 55 -18.40 -13.81 -0.11
CA ASP C 55 -16.99 -13.49 -0.08
C ASP C 55 -16.69 -12.16 -0.72
N LYS C 56 -15.66 -11.49 -0.23
CA LYS C 56 -15.26 -10.24 -0.84
C LYS C 56 -13.75 -10.19 -0.81
N GLU C 57 -13.16 -10.01 -1.98
CA GLU C 57 -11.73 -10.15 -2.14
C GLU C 57 -11.14 -8.79 -2.49
N ASP C 58 -9.98 -8.50 -1.90
CA ASP C 58 -9.27 -7.24 -2.11
C ASP C 58 -7.80 -7.50 -1.86
N GLY C 59 -7.04 -7.66 -2.95
CA GLY C 59 -5.63 -8.09 -2.88
C GLY C 59 -5.52 -9.49 -2.28
N ARG C 60 -4.59 -9.64 -1.34
CA ARG C 60 -4.41 -10.91 -0.57
C ARG C 60 -5.52 -11.24 0.46
N PHE C 61 -6.38 -10.26 0.73
CA PHE C 61 -7.41 -10.38 1.76
C PHE C 61 -8.68 -10.92 1.15
N THR C 62 -9.30 -11.84 1.85
CA THR C 62 -10.67 -12.21 1.58
C THR C 62 -11.49 -12.16 2.87
N ALA C 63 -12.58 -11.37 2.86
CA ALA C 63 -13.53 -11.45 3.95
C ALA C 63 -14.70 -12.31 3.59
N GLN C 64 -15.18 -13.10 4.56
CA GLN C 64 -16.33 -13.95 4.32
C GLN C 64 -17.33 -13.70 5.41
N LEU C 65 -18.55 -13.35 5.01
CA LEU C 65 -19.63 -13.11 5.91
C LEU C 65 -20.70 -14.17 5.81
N ASN C 66 -21.18 -14.64 6.95
CA ASN C 66 -22.31 -15.57 6.98
C ASN C 66 -23.17 -15.23 8.18
N LYS C 67 -24.21 -14.44 7.93
CA LYS C 67 -25.11 -13.98 8.99
C LYS C 67 -25.97 -15.10 9.58
N ALA C 68 -26.32 -16.11 8.80
CA ALA C 68 -27.07 -17.26 9.34
C ALA C 68 -26.26 -18.05 10.43
N SER C 69 -24.97 -18.28 10.17
CA SER C 69 -24.07 -18.93 11.14
C SER C 69 -23.35 -17.94 12.10
N GLN C 70 -23.76 -16.67 12.06
CA GLN C 70 -23.25 -15.59 12.92
C GLN C 70 -21.70 -15.50 13.04
N TYR C 71 -21.01 -15.57 11.91
CA TYR C 71 -19.58 -15.34 11.92
C TYR C 71 -19.18 -14.44 10.76
N VAL C 72 -18.01 -13.84 10.89
CA VAL C 72 -17.37 -13.18 9.77
C VAL C 72 -15.90 -13.62 9.86
N SER C 73 -15.25 -13.83 8.72
CA SER C 73 -13.89 -14.29 8.71
C SER C 73 -13.04 -13.36 7.89
N LEU C 74 -11.75 -13.35 8.18
CA LEU C 74 -10.72 -12.77 7.32
C LEU C 74 -9.66 -13.80 6.91
N LEU C 75 -9.47 -13.94 5.60
CA LEU C 75 -8.41 -14.80 5.06
C LEU C 75 -7.32 -13.94 4.49
N ILE C 76 -6.09 -14.21 4.86
CA ILE C 76 -4.94 -13.51 4.27
C ILE C 76 -4.05 -14.50 3.51
N ARG C 77 -4.06 -14.42 2.19
CA ARG C 77 -3.21 -15.32 1.39
C ARG C 77 -1.81 -14.76 1.36
N ASP C 78 -0.84 -15.65 1.16
CA ASP C 78 0.56 -15.28 0.94
C ASP C 78 1.13 -14.45 2.08
N SER C 79 0.94 -14.92 3.33
CA SER C 79 1.24 -14.13 4.53
C SER C 79 2.71 -13.76 4.62
N GLN C 80 2.97 -12.52 5.02
CA GLN C 80 4.34 -12.05 5.21
C GLN C 80 4.48 -11.60 6.63
N PRO C 81 5.72 -11.61 7.19
CA PRO C 81 5.90 -11.10 8.57
C PRO C 81 5.49 -9.63 8.75
N SER C 82 5.21 -8.96 7.64
CA SER C 82 4.57 -7.64 7.57
C SER C 82 3.09 -7.61 7.96
N ASP C 83 2.45 -8.78 8.01
CA ASP C 83 1.04 -8.90 8.38
C ASP C 83 0.89 -9.16 9.88
N SER C 84 2.01 -9.28 10.57
CA SER C 84 2.01 -9.51 12.01
C SER C 84 1.48 -8.25 12.70
N ALA C 85 0.41 -8.45 13.47
CA ALA C 85 -0.46 -7.40 13.97
C ALA C 85 -1.61 -8.03 14.73
N THR C 86 -2.43 -7.15 15.31
CA THR C 86 -3.68 -7.56 15.88
C THR C 86 -4.77 -7.17 14.89
N TYR C 87 -5.70 -8.10 14.70
CA TYR C 87 -6.81 -7.92 13.78
C TYR C 87 -8.06 -7.87 14.63
N LEU C 88 -8.78 -6.78 14.49
CA LEU C 88 -9.91 -6.45 15.33
C LEU C 88 -11.13 -6.52 14.45
N CYS C 89 -12.11 -7.28 14.92
CA CYS C 89 -13.38 -7.41 14.24
C CYS C 89 -14.30 -6.35 14.84
N ALA C 90 -15.09 -5.66 14.01
CA ALA C 90 -16.06 -4.69 14.52
C ALA C 90 -17.40 -4.84 13.84
N VAL C 91 -18.46 -4.67 14.61
CA VAL C 91 -19.80 -4.77 14.07
C VAL C 91 -20.58 -3.48 14.37
N ASN C 92 -21.18 -2.92 13.32
CA ASN C 92 -22.15 -1.82 13.44
C ASN C 92 -23.46 -2.44 13.84
N PHE C 93 -23.88 -2.14 15.06
CA PHE C 93 -25.19 -2.57 15.53
C PHE C 93 -26.24 -1.43 15.45
N GLY C 94 -25.87 -0.29 14.87
CA GLY C 94 -26.80 0.84 14.76
C GLY C 94 -26.51 1.93 15.76
N GLY C 95 -26.57 3.17 15.29
CA GLY C 95 -26.75 4.34 16.15
C GLY C 95 -25.63 4.69 17.13
N GLY C 96 -24.39 4.43 16.73
CA GLY C 96 -23.23 4.75 17.57
C GLY C 96 -22.55 3.52 18.16
N LYS C 97 -23.31 2.42 18.24
CA LYS C 97 -22.77 1.12 18.66
C LYS C 97 -21.86 0.53 17.57
N LEU C 98 -20.67 1.09 17.39
CA LEU C 98 -19.62 0.43 16.64
C LEU C 98 -18.87 -0.47 17.64
N ILE C 99 -19.18 -1.76 17.63
CA ILE C 99 -18.67 -2.61 18.72
C ILE C 99 -17.51 -3.48 18.25
N PHE C 100 -16.40 -3.44 18.97
CA PHE C 100 -15.19 -4.21 18.65
C PHE C 100 -15.06 -5.52 19.42
N GLY C 101 -14.49 -6.53 18.79
CA GLY C 101 -14.02 -7.74 19.52
C GLY C 101 -12.72 -7.48 20.28
N GLN C 102 -12.18 -8.50 20.96
CA GLN C 102 -10.91 -8.34 21.71
C GLN C 102 -9.65 -8.25 20.83
N GLY C 103 -9.78 -8.58 19.54
CA GLY C 103 -8.62 -8.64 18.68
C GLY C 103 -7.95 -10.01 18.73
N THR C 104 -7.53 -10.50 17.57
CA THR C 104 -6.65 -11.67 17.47
C THR C 104 -5.26 -11.24 17.01
N GLU C 105 -4.24 -11.55 17.81
CA GLU C 105 -2.86 -11.33 17.40
C GLU C 105 -2.37 -12.39 16.43
N LEU C 106 -1.89 -11.93 15.27
CA LEU C 106 -1.33 -12.81 14.26
C LEU C 106 0.16 -12.59 14.25
N SER C 107 0.91 -13.68 14.27
CA SER C 107 2.36 -13.65 14.14
C SER C 107 2.76 -14.52 12.98
N VAL C 108 3.13 -13.88 11.88
CA VAL C 108 3.63 -14.57 10.72
C VAL C 108 5.15 -14.89 10.90
N LYS C 109 5.51 -16.18 10.81
CA LYS C 109 6.84 -16.64 11.23
C LYS C 109 7.68 -16.83 9.99
N PRO C 110 8.88 -16.21 9.96
CA PRO C 110 9.75 -16.34 8.81
C PRO C 110 10.34 -17.75 8.70
N ASN C 111 10.56 -18.21 7.48
CA ASN C 111 11.32 -19.44 7.29
C ASN C 111 12.82 -19.21 7.24
N ILE C 112 13.51 -19.66 8.28
CA ILE C 112 14.96 -19.71 8.27
C ILE C 112 15.43 -21.03 7.63
N GLN C 113 15.75 -20.95 6.34
CA GLN C 113 16.13 -22.12 5.53
C GLN C 113 17.48 -22.76 5.94
N ASN C 114 18.46 -21.91 6.29
CA ASN C 114 19.72 -22.39 6.90
C ASN C 114 19.92 -21.82 8.30
N PRO C 115 19.34 -22.50 9.34
CA PRO C 115 19.57 -22.07 10.72
C PRO C 115 21.03 -22.25 11.14
N ASP C 116 21.52 -21.32 11.95
CA ASP C 116 22.86 -21.42 12.51
C ASP C 116 22.82 -21.14 14.02
N PRO C 117 22.04 -21.93 14.81
CA PRO C 117 21.75 -21.48 16.17
C PRO C 117 22.95 -21.46 17.09
N ALA C 118 23.01 -20.40 17.89
CA ALA C 118 24.12 -20.15 18.78
C ALA C 118 23.66 -19.29 19.95
N VAL C 119 24.48 -19.26 21.00
CA VAL C 119 24.31 -18.37 22.14
C VAL C 119 25.64 -17.64 22.36
N TYR C 120 25.63 -16.32 22.22
CA TYR C 120 26.84 -15.53 22.45
C TYR C 120 26.72 -14.72 23.74
N GLN C 121 27.85 -14.14 24.17
CA GLN C 121 27.88 -13.19 25.26
C GLN C 121 28.39 -11.84 24.76
N LEU C 122 27.77 -10.76 25.23
CA LEU C 122 28.05 -9.42 24.74
C LEU C 122 28.62 -8.51 25.83
N ARG C 123 29.74 -7.85 25.52
CA ARG C 123 30.37 -6.94 26.49
C ARG C 123 29.89 -5.50 26.35
N ASP C 124 29.73 -4.81 27.49
CA ASP C 124 29.24 -3.42 27.60
C ASP C 124 30.17 -2.41 26.91
N SER C 125 29.59 -1.29 26.46
CA SER C 125 30.37 -0.12 26.01
C SER C 125 30.63 0.86 27.18
N LYS C 126 29.90 0.65 28.28
CA LYS C 126 30.11 1.40 29.53
C LYS C 126 30.67 0.50 30.63
N SER C 127 31.38 -0.56 30.21
CA SER C 127 32.15 -1.50 31.07
C SER C 127 31.40 -2.29 32.17
N SER C 128 32.16 -2.95 33.04
CA SER C 128 31.79 -4.23 33.73
C SER C 128 30.46 -4.45 34.49
N ASP C 129 29.35 -4.15 33.82
CA ASP C 129 28.09 -4.84 34.00
C ASP C 129 27.75 -5.29 32.58
N LYS C 130 28.55 -6.23 32.09
CA LYS C 130 28.51 -6.68 30.70
C LYS C 130 27.57 -7.89 30.59
N SER C 131 27.96 -8.83 29.72
CA SER C 131 27.52 -10.23 29.74
C SER C 131 26.00 -10.50 29.73
N VAL C 132 25.26 -9.81 28.86
CA VAL C 132 23.90 -10.24 28.54
C VAL C 132 23.99 -11.37 27.51
N CYS C 133 23.11 -12.34 27.65
CA CYS C 133 23.17 -13.55 26.84
C CYS C 133 22.23 -13.45 25.65
N LEU C 134 22.80 -13.57 24.47
CA LEU C 134 22.07 -13.43 23.21
C LEU C 134 21.94 -14.80 22.52
N PHE C 135 20.77 -15.41 22.70
CA PHE C 135 20.39 -16.62 21.96
C PHE C 135 19.88 -16.15 20.61
N THR C 136 20.49 -16.65 19.53
CA THR C 136 20.21 -16.15 18.19
C THR C 136 20.38 -17.19 17.08
N ASP C 137 19.93 -16.81 15.89
CA ASP C 137 19.96 -17.61 14.64
C ASP C 137 19.14 -18.94 14.64
N PHE C 138 18.40 -19.19 15.72
CA PHE C 138 17.51 -20.33 15.86
C PHE C 138 16.28 -20.28 14.93
N ASP C 139 15.62 -21.43 14.72
CA ASP C 139 14.46 -21.49 13.83
C ASP C 139 13.20 -20.91 14.51
N SER C 140 12.18 -20.56 13.72
CA SER C 140 10.99 -19.83 14.23
C SER C 140 10.02 -20.61 15.14
N GLN C 141 10.19 -21.92 15.24
CA GLN C 141 9.29 -22.76 16.05
C GLN C 141 9.86 -23.04 17.46
N THR C 142 11.11 -22.64 17.66
CA THR C 142 11.77 -22.67 18.96
C THR C 142 11.07 -21.71 19.90
N ASN C 143 10.87 -22.10 21.16
CA ASN C 143 10.09 -21.32 22.12
C ASN C 143 10.84 -21.02 23.41
N VAL C 144 11.16 -19.74 23.62
CA VAL C 144 11.81 -19.31 24.86
C VAL C 144 10.78 -19.25 25.99
N SER C 145 11.22 -19.50 27.22
CA SER C 145 10.28 -19.88 28.27
C SER C 145 9.86 -18.79 29.26
N GLN C 146 10.87 -18.07 29.78
CA GLN C 146 10.88 -17.22 31.01
C GLN C 146 11.63 -17.96 32.13
N SER C 147 11.58 -17.39 33.33
CA SER C 147 12.47 -17.78 34.42
C SER C 147 11.99 -18.91 35.33
N LYS C 148 12.96 -19.61 35.91
CA LYS C 148 12.75 -20.42 37.11
C LYS C 148 13.61 -19.77 38.19
N ASP C 149 12.95 -19.24 39.23
CA ASP C 149 13.55 -18.36 40.27
C ASP C 149 14.23 -17.11 39.67
N SER C 150 13.43 -16.05 39.49
CA SER C 150 13.83 -14.86 38.75
C SER C 150 14.83 -13.90 39.44
N ASP C 151 16.03 -13.86 38.87
CA ASP C 151 16.97 -12.75 38.98
C ASP C 151 17.47 -12.68 37.55
N VAL C 152 16.92 -13.61 36.77
CA VAL C 152 17.14 -13.75 35.36
C VAL C 152 15.85 -13.29 34.67
N TYR C 153 15.97 -12.31 33.79
CA TYR C 153 14.84 -11.82 33.02
C TYR C 153 15.01 -12.23 31.58
N ILE C 154 14.03 -12.96 31.06
CA ILE C 154 14.07 -13.43 29.68
C ILE C 154 13.05 -12.66 28.84
N THR C 155 13.52 -12.06 27.76
CA THR C 155 12.64 -11.35 26.81
C THR C 155 12.25 -12.30 25.69
N ASP C 156 11.09 -12.03 25.09
CA ASP C 156 10.55 -12.85 24.00
C ASP C 156 11.33 -12.78 22.71
N LYS C 157 11.05 -13.75 21.84
CA LYS C 157 11.66 -13.88 20.53
C LYS C 157 11.20 -12.76 19.58
N CYS C 158 12.14 -12.07 18.92
CA CYS C 158 11.78 -11.17 17.80
C CYS C 158 12.54 -11.44 16.49
N VAL C 159 11.83 -11.17 15.41
CA VAL C 159 12.29 -11.30 14.03
C VAL C 159 13.00 -10.01 13.56
N LEU C 160 14.20 -10.15 12.99
CA LEU C 160 15.10 -9.05 12.68
C LEU C 160 15.39 -9.06 11.16
N ASP C 161 14.96 -8.03 10.43
CA ASP C 161 15.06 -8.06 8.96
C ASP C 161 16.17 -7.19 8.36
N MET C 162 17.27 -7.83 7.96
CA MET C 162 18.34 -7.14 7.24
C MET C 162 18.02 -7.01 5.75
N ARG C 163 17.18 -6.02 5.43
CA ARG C 163 16.64 -5.78 4.07
C ARG C 163 17.67 -5.78 2.93
N SER C 164 18.86 -5.24 3.19
CA SER C 164 20.03 -5.23 2.28
C SER C 164 20.36 -6.58 1.65
N MET C 165 20.83 -7.52 2.47
CA MET C 165 21.18 -8.86 2.00
C MET C 165 20.02 -9.86 2.06
N ASP C 166 18.80 -9.33 2.26
CA ASP C 166 17.55 -10.08 2.54
C ASP C 166 17.73 -11.26 3.48
N PHE C 167 18.05 -10.92 4.72
CA PHE C 167 18.33 -11.90 5.75
C PHE C 167 17.41 -11.62 6.91
N LYS C 168 16.65 -12.65 7.32
CA LYS C 168 15.90 -12.59 8.56
C LYS C 168 16.56 -13.50 9.58
N SER C 169 16.46 -13.12 10.86
CA SER C 169 16.89 -13.97 11.97
C SER C 169 16.13 -13.71 13.27
N ASN C 170 16.02 -14.74 14.11
CA ASN C 170 15.40 -14.62 15.42
C ASN C 170 16.39 -14.40 16.55
N SER C 171 15.97 -13.72 17.62
CA SER C 171 16.82 -13.51 18.77
C SER C 171 16.02 -13.41 20.06
N ALA C 172 16.68 -13.74 21.17
CA ALA C 172 16.15 -13.51 22.50
C ALA C 172 17.29 -13.11 23.41
N VAL C 173 16.98 -12.30 24.42
CA VAL C 173 18.00 -11.71 25.29
C VAL C 173 17.67 -12.09 26.75
N ALA C 174 18.71 -12.45 27.50
CA ALA C 174 18.58 -12.57 28.96
C ALA C 174 19.77 -12.00 29.73
N TRP C 175 19.47 -11.53 30.94
CA TRP C 175 20.39 -11.55 32.06
C TRP C 175 19.52 -11.74 33.29
N ALA C 182 29.70 -13.86 32.30
CA ALA C 182 29.48 -15.07 33.08
C ALA C 182 28.12 -15.70 32.77
N CYS C 183 28.08 -17.04 32.85
CA CYS C 183 26.85 -17.87 32.85
C CYS C 183 26.08 -18.03 31.52
N ALA C 184 25.36 -19.14 31.42
CA ALA C 184 24.39 -19.40 30.35
C ALA C 184 23.27 -20.23 30.98
N ASN C 185 22.29 -19.51 31.53
CA ASN C 185 21.36 -20.05 32.54
C ASN C 185 20.23 -20.94 32.02
N ALA C 186 19.04 -20.36 31.83
CA ALA C 186 17.82 -21.12 31.50
C ALA C 186 17.78 -21.62 30.06
N PHE C 187 18.67 -21.08 29.22
CA PHE C 187 18.96 -21.67 27.92
C PHE C 187 19.95 -22.82 28.20
N ASN C 188 19.43 -24.02 28.48
CA ASN C 188 20.25 -25.17 28.88
C ASN C 188 19.82 -26.51 28.22
N ASN C 189 19.16 -27.38 28.99
CA ASN C 189 18.53 -28.59 28.45
C ASN C 189 17.00 -28.45 28.39
N SER C 190 16.49 -27.34 28.92
CA SER C 190 15.06 -27.09 29.04
C SER C 190 14.43 -26.39 27.82
N ILE C 191 15.25 -25.66 27.05
CA ILE C 191 14.74 -24.88 25.92
C ILE C 191 15.34 -25.29 24.57
N ILE C 192 16.66 -25.14 24.44
CA ILE C 192 17.36 -25.04 23.16
C ILE C 192 17.58 -26.37 22.43
N PRO C 193 17.86 -26.34 21.10
CA PRO C 193 18.37 -27.54 20.42
C PRO C 193 19.77 -27.95 20.88
N GLU C 194 20.11 -29.22 20.66
CA GLU C 194 21.39 -29.77 21.12
C GLU C 194 22.55 -29.51 20.16
N ASP C 195 22.24 -28.99 18.97
CA ASP C 195 23.27 -28.59 18.01
C ASP C 195 23.54 -27.07 18.08
N THR C 196 23.46 -26.52 19.29
CA THR C 196 23.64 -25.09 19.54
C THR C 196 25.11 -24.76 19.87
N PHE C 197 25.69 -23.88 19.05
CA PHE C 197 27.08 -23.42 19.19
C PHE C 197 27.24 -22.58 20.47
N PHE C 198 28.13 -23.04 21.35
CA PHE C 198 28.38 -22.38 22.63
C PHE C 198 29.82 -21.88 22.76
N PRO C 199 30.26 -20.97 21.86
CA PRO C 199 31.67 -20.74 21.45
C PRO C 199 32.71 -20.69 22.57
N SER C 200 33.83 -21.40 22.38
CA SER C 200 35.00 -21.29 23.23
C SER C 200 35.60 -19.92 22.98
N PRO C 201 35.51 -19.02 24.00
CA PRO C 201 35.68 -17.55 23.91
C PRO C 201 36.91 -17.05 23.13
N GLU C 202 36.78 -17.09 21.79
CA GLU C 202 37.83 -16.70 20.86
C GLU C 202 37.57 -15.26 20.37
N ILE D 2 -5.51 18.87 5.09
CA ILE D 2 -6.11 18.49 6.40
C ILE D 2 -5.10 17.78 7.31
N ALA D 3 -5.25 17.97 8.62
CA ALA D 3 -4.41 17.26 9.60
C ALA D 3 -4.94 15.85 9.90
N GLY D 4 -6.23 15.61 9.71
CA GLY D 4 -6.83 14.31 10.06
C GLY D 4 -7.39 14.44 11.45
N ILE D 5 -7.29 13.36 12.23
CA ILE D 5 -7.73 13.37 13.61
C ILE D 5 -6.50 13.39 14.53
N THR D 6 -6.43 14.36 15.44
CA THR D 6 -5.31 14.44 16.36
C THR D 6 -5.77 14.42 17.82
N GLN D 7 -5.06 13.65 18.62
CA GLN D 7 -5.28 13.57 20.05
C GLN D 7 -4.15 14.29 20.76
N ALA D 8 -4.48 14.94 21.87
CA ALA D 8 -3.47 15.56 22.74
C ALA D 8 -3.91 15.50 24.21
N PRO D 9 -3.00 15.11 25.13
CA PRO D 9 -1.59 14.71 24.97
C PRO D 9 -1.44 13.27 24.48
N THR D 10 -0.24 12.91 24.03
CA THR D 10 0.10 11.57 23.53
C THR D 10 0.37 10.62 24.72
N SER D 11 0.87 11.19 25.81
CA SER D 11 1.12 10.42 27.02
C SER D 11 0.83 11.27 28.24
N GLN D 12 0.16 10.69 29.21
CA GLN D 12 -0.15 11.42 30.42
C GLN D 12 0.11 10.58 31.66
N ILE D 13 0.78 11.19 32.64
CA ILE D 13 0.94 10.60 33.97
C ILE D 13 0.13 11.41 34.96
N LEU D 14 -0.84 10.75 35.59
CA LEU D 14 -1.72 11.41 36.53
C LEU D 14 -1.57 10.85 37.93
N ALA D 15 -1.47 11.75 38.90
CA ALA D 15 -1.70 11.44 40.30
C ALA D 15 -3.18 11.10 40.49
N ALA D 16 -3.45 10.10 41.32
CA ALA D 16 -4.78 9.54 41.51
C ALA D 16 -5.75 10.44 42.26
N GLY D 17 -6.63 11.11 41.52
CA GLY D 17 -7.61 12.02 42.10
C GLY D 17 -7.64 13.36 41.40
N ARG D 18 -6.61 13.61 40.59
CA ARG D 18 -6.53 14.81 39.75
C ARG D 18 -7.50 14.75 38.55
N ARG D 19 -7.88 15.93 38.04
CA ARG D 19 -8.80 16.05 36.90
C ARG D 19 -7.98 16.15 35.61
N MET D 20 -8.42 15.48 34.55
CA MET D 20 -7.73 15.50 33.27
C MET D 20 -8.70 15.52 32.08
N THR D 21 -8.34 16.29 31.06
CA THR D 21 -9.05 16.36 29.78
C THR D 21 -8.21 15.80 28.64
N LEU D 22 -8.71 14.76 27.98
CA LEU D 22 -8.01 14.33 26.76
C LEU D 22 -8.67 15.07 25.60
N ARG D 23 -7.87 15.76 24.81
CA ARG D 23 -8.42 16.55 23.72
C ARG D 23 -8.38 15.72 22.45
N CYS D 24 -9.44 15.84 21.66
CA CYS D 24 -9.48 15.20 20.36
C CYS D 24 -10.06 16.17 19.35
N THR D 25 -9.33 16.41 18.29
CA THR D 25 -9.82 17.28 17.22
C THR D 25 -9.63 16.65 15.83
N GLN D 26 -10.58 16.88 14.94
CA GLN D 26 -10.46 16.46 13.53
C GLN D 26 -10.91 17.54 12.58
N ASP D 27 -10.21 17.76 11.50
CA ASP D 27 -10.65 18.79 10.54
C ASP D 27 -11.26 18.16 9.28
N MET D 28 -11.84 16.97 9.44
CA MET D 28 -12.33 16.21 8.27
C MET D 28 -13.79 16.44 8.00
N ARG D 29 -14.41 17.32 8.79
CA ARG D 29 -15.84 17.59 8.78
C ARG D 29 -16.70 16.36 9.05
N HIS D 30 -16.17 15.46 9.86
CA HIS D 30 -16.90 14.24 10.25
C HIS D 30 -17.95 14.60 11.25
N ASN D 31 -19.14 14.05 11.09
CA ASN D 31 -20.15 14.24 12.11
C ASN D 31 -19.96 13.38 13.36
N ALA D 32 -19.60 12.10 13.17
CA ALA D 32 -19.58 11.17 14.32
C ALA D 32 -18.22 11.10 14.96
N MET D 33 -18.14 11.21 16.29
CA MET D 33 -16.89 11.04 17.02
C MET D 33 -17.03 10.06 18.21
N TYR D 34 -15.91 9.47 18.64
CA TYR D 34 -16.00 8.34 19.56
C TYR D 34 -14.80 8.32 20.46
N TRP D 35 -14.99 7.83 21.68
CA TRP D 35 -13.85 7.52 22.53
C TRP D 35 -13.88 6.05 22.95
N TYR D 36 -12.73 5.40 22.77
CA TYR D 36 -12.51 4.02 23.19
C TYR D 36 -11.33 3.97 24.14
N ARG D 37 -11.32 2.96 25.02
CA ARG D 37 -10.09 2.59 25.75
C ARG D 37 -9.70 1.16 25.36
N GLN D 38 -8.39 0.92 25.30
CA GLN D 38 -7.87 -0.36 24.88
C GLN D 38 -7.06 -0.97 26.05
N ASP D 39 -7.44 -2.17 26.48
CA ASP D 39 -6.79 -2.91 27.57
C ASP D 39 -6.59 -4.36 27.12
N LEU D 40 -5.56 -5.02 27.66
CA LEU D 40 -5.18 -6.34 27.15
C LEU D 40 -6.16 -7.44 27.47
N GLY D 41 -6.41 -8.27 26.45
CA GLY D 41 -7.47 -9.28 26.50
C GLY D 41 -8.90 -8.77 26.36
N LEU D 42 -9.09 -7.44 26.30
CA LEU D 42 -10.42 -6.85 26.25
C LEU D 42 -10.68 -6.09 24.95
N GLY D 43 -9.61 -5.72 24.25
CA GLY D 43 -9.72 -4.92 23.03
C GLY D 43 -10.23 -3.52 23.29
N LEU D 44 -10.95 -2.96 22.31
CA LEU D 44 -11.52 -1.60 22.40
C LEU D 44 -12.92 -1.62 22.96
N ARG D 45 -13.15 -0.85 24.03
CA ARG D 45 -14.48 -0.70 24.59
C ARG D 45 -14.85 0.76 24.52
N LEU D 46 -16.04 1.00 24.02
CA LEU D 46 -16.56 2.33 23.78
C LEU D 46 -16.94 2.99 25.09
N ILE D 47 -16.43 4.20 25.29
CA ILE D 47 -16.68 4.96 26.51
C ILE D 47 -17.86 5.90 26.32
N HIS D 48 -17.77 6.73 25.28
CA HIS D 48 -18.81 7.67 24.86
C HIS D 48 -18.70 7.91 23.34
N TYR D 49 -19.81 8.32 22.75
CA TYR D 49 -19.86 8.60 21.32
C TYR D 49 -20.66 9.90 21.09
N SER D 50 -20.63 10.41 19.87
CA SER D 50 -21.40 11.58 19.49
C SER D 50 -21.68 11.52 17.99
N ASN D 51 -22.94 11.37 17.61
CA ASN D 51 -23.26 11.18 16.18
C ASN D 51 -23.21 12.45 15.29
N THR D 52 -23.35 13.62 15.92
CA THR D 52 -23.12 14.93 15.29
C THR D 52 -22.99 15.97 16.40
N ALA D 53 -22.61 17.21 16.05
CA ALA D 53 -22.46 18.29 17.03
C ALA D 53 -23.74 18.58 17.81
N GLY D 54 -23.57 18.89 19.09
CA GLY D 54 -24.72 19.19 19.91
C GLY D 54 -25.25 18.06 20.76
N THR D 55 -25.01 16.81 20.35
CA THR D 55 -25.47 15.64 21.12
C THR D 55 -24.30 14.73 21.48
N THR D 56 -24.41 14.03 22.60
CA THR D 56 -23.50 12.92 22.96
C THR D 56 -24.35 11.74 23.49
N GLY D 57 -23.77 10.55 23.54
CA GLY D 57 -24.42 9.38 24.15
C GLY D 57 -23.42 8.45 24.83
N LYS D 58 -23.92 7.59 25.73
CA LYS D 58 -23.04 6.72 26.51
C LYS D 58 -22.70 5.41 25.78
N GLY D 59 -21.46 4.93 25.96
CA GLY D 59 -21.00 3.68 25.34
C GLY D 59 -21.14 2.47 26.26
N GLU D 60 -20.23 1.51 26.12
CA GLU D 60 -20.28 0.24 26.89
C GLU D 60 -19.73 0.51 28.27
N VAL D 61 -18.79 1.47 28.34
CA VAL D 61 -18.07 1.70 29.56
C VAL D 61 -18.04 3.21 30.06
N PRO D 62 -19.24 3.85 30.22
CA PRO D 62 -19.27 5.31 30.46
C PRO D 62 -18.79 5.84 31.81
N ASP D 63 -18.83 5.01 32.85
CA ASP D 63 -18.62 5.50 34.22
C ASP D 63 -17.20 5.93 34.56
N GLY D 64 -17.10 7.10 35.21
CA GLY D 64 -15.83 7.79 35.49
C GLY D 64 -15.49 8.85 34.45
N TYR D 65 -16.30 8.94 33.41
CA TYR D 65 -15.88 9.70 32.24
C TYR D 65 -16.96 10.63 31.75
N SER D 66 -16.55 11.79 31.29
CA SER D 66 -17.47 12.74 30.69
C SER D 66 -17.03 13.27 29.32
N VAL D 67 -18.00 13.60 28.46
CA VAL D 67 -17.71 14.31 27.20
C VAL D 67 -18.65 15.49 26.90
N SER D 68 -18.27 16.29 25.94
CA SER D 68 -19.16 17.31 25.37
C SER D 68 -18.87 17.46 23.87
N ARG D 69 -19.85 17.96 23.12
CA ARG D 69 -19.69 18.20 21.69
C ARG D 69 -20.41 19.52 21.32
N ALA D 70 -19.77 20.65 21.62
CA ALA D 70 -20.29 21.97 21.29
C ALA D 70 -20.00 22.29 19.82
N ASN D 71 -18.92 21.70 19.29
CA ASN D 71 -18.42 21.95 17.95
C ASN D 71 -18.27 20.63 17.17
N THR D 72 -18.27 20.76 15.84
CA THR D 72 -18.10 19.64 14.90
C THR D 72 -16.71 19.02 15.02
N ASP D 73 -15.67 19.83 15.18
CA ASP D 73 -14.38 19.17 15.24
C ASP D 73 -13.81 18.73 16.56
N ASP D 74 -14.37 19.13 17.69
CA ASP D 74 -13.75 18.83 19.00
C ASP D 74 -14.61 17.83 19.78
N PHE D 75 -13.96 16.87 20.45
CA PHE D 75 -14.65 15.94 21.33
C PHE D 75 -13.75 15.67 22.56
N PRO D 76 -13.78 16.58 23.57
CA PRO D 76 -12.91 16.34 24.75
C PRO D 76 -13.46 15.27 25.68
N LEU D 77 -12.57 14.40 26.14
CA LEU D 77 -12.92 13.41 27.16
C LEU D 77 -12.33 13.83 28.50
N THR D 78 -13.19 13.99 29.49
CA THR D 78 -12.72 14.41 30.80
C THR D 78 -12.83 13.29 31.85
N LEU D 79 -11.75 13.10 32.59
CA LEU D 79 -11.72 12.21 33.74
C LEU D 79 -11.82 13.12 34.94
N ALA D 80 -12.97 13.07 35.62
CA ALA D 80 -13.27 14.00 36.72
C ALA D 80 -12.31 13.83 37.89
N SER D 81 -12.15 12.59 38.36
CA SER D 81 -11.25 12.28 39.46
C SER D 81 -10.57 10.94 39.18
N ALA D 82 -9.29 11.02 38.79
CA ALA D 82 -8.55 9.87 38.22
C ALA D 82 -8.33 8.69 39.15
N VAL D 83 -8.81 7.52 38.77
CA VAL D 83 -8.62 6.30 39.57
C VAL D 83 -7.67 5.34 38.83
N PRO D 84 -6.89 4.50 39.56
CA PRO D 84 -6.06 3.43 38.99
C PRO D 84 -6.61 2.58 37.82
N SER D 85 -7.89 2.18 37.87
CA SER D 85 -8.47 1.35 36.79
C SER D 85 -8.71 2.13 35.46
N GLN D 86 -8.46 3.44 35.48
CA GLN D 86 -8.47 4.30 34.29
C GLN D 86 -7.12 4.39 33.58
N THR D 87 -6.11 3.66 34.10
CA THR D 87 -4.88 3.40 33.36
C THR D 87 -5.21 2.60 32.08
N SER D 88 -4.91 3.20 30.93
CA SER D 88 -5.24 2.60 29.63
C SER D 88 -4.55 3.34 28.47
N VAL D 89 -4.82 2.88 27.25
CA VAL D 89 -4.51 3.63 26.03
C VAL D 89 -5.86 4.09 25.50
N TYR D 90 -6.02 5.39 25.31
CA TYR D 90 -7.29 5.94 24.91
C TYR D 90 -7.27 6.33 23.45
N PHE D 91 -8.29 5.92 22.71
CA PHE D 91 -8.35 6.21 21.28
C PHE D 91 -9.60 6.99 20.96
N CYS D 92 -9.41 8.17 20.36
CA CYS D 92 -10.50 8.93 19.78
C CYS D 92 -10.64 8.46 18.34
N ALA D 93 -11.88 8.37 17.88
CA ALA D 93 -12.15 8.02 16.47
C ALA D 93 -13.23 8.95 15.88
N SER D 94 -13.28 9.07 14.55
CA SER D 94 -14.34 9.83 13.91
C SER D 94 -14.74 9.18 12.62
N SER D 95 -15.99 9.35 12.24
CA SER D 95 -16.42 8.88 10.94
C SER D 95 -17.33 9.92 10.31
N LEU D 96 -17.40 9.89 8.97
CA LEU D 96 -18.19 10.86 8.20
C LEU D 96 -19.59 11.01 8.74
N SER D 97 -20.27 9.88 8.86
CA SER D 97 -21.53 9.80 9.56
C SER D 97 -21.43 8.52 10.36
N PHE D 98 -22.34 8.28 11.31
CA PHE D 98 -22.40 6.97 11.99
C PHE D 98 -22.53 5.83 10.97
N GLY D 99 -21.74 4.78 11.14
CA GLY D 99 -21.79 3.65 10.22
C GLY D 99 -20.87 3.74 9.02
N THR D 100 -20.05 4.78 8.92
CA THR D 100 -19.05 4.84 7.88
C THR D 100 -17.72 4.49 8.50
N GLU D 101 -16.68 4.43 7.67
CA GLU D 101 -15.33 4.12 8.14
C GLU D 101 -14.84 5.02 9.30
N ALA D 102 -14.50 4.38 10.43
CA ALA D 102 -13.90 5.10 11.56
C ALA D 102 -12.42 5.30 11.33
N PHE D 103 -11.94 6.52 11.55
CA PHE D 103 -10.54 6.88 11.48
C PHE D 103 -10.04 7.16 12.91
N PHE D 104 -8.98 6.50 13.34
CA PHE D 104 -8.57 6.57 14.74
C PHE D 104 -7.46 7.56 14.90
N GLY D 105 -7.43 8.30 16.00
CA GLY D 105 -6.28 9.11 16.34
C GLY D 105 -5.11 8.24 16.81
N GLN D 106 -4.02 8.89 17.22
CA GLN D 106 -2.78 8.17 17.52
C GLN D 106 -2.81 7.34 18.82
N GLY D 107 -3.64 7.73 19.77
CA GLY D 107 -3.74 7.02 21.02
C GLY D 107 -3.07 7.81 22.11
N THR D 108 -3.63 7.74 23.31
CA THR D 108 -3.06 8.42 24.45
C THR D 108 -2.78 7.40 25.54
N ARG D 109 -1.50 7.15 25.79
CA ARG D 109 -1.09 6.26 26.89
C ARG D 109 -1.27 7.00 28.20
N LEU D 110 -2.24 6.57 28.99
CA LEU D 110 -2.52 7.21 30.26
C LEU D 110 -2.22 6.24 31.40
N THR D 111 -1.39 6.65 32.35
CA THR D 111 -1.13 5.86 33.55
C THR D 111 -1.54 6.64 34.80
N VAL D 112 -2.48 6.10 35.56
CA VAL D 112 -2.86 6.72 36.81
C VAL D 112 -2.00 6.12 37.92
N VAL D 113 -1.20 6.98 38.55
CA VAL D 113 -0.20 6.61 39.57
C VAL D 113 -0.65 7.11 40.95
N GLU D 114 -0.54 6.27 41.98
CA GLU D 114 -0.94 6.65 43.35
C GLU D 114 -0.01 7.68 44.03
N ASP D 115 1.25 7.71 43.63
CA ASP D 115 2.19 8.75 44.07
C ASP D 115 3.24 8.99 43.02
N LEU D 116 3.39 10.25 42.59
CA LEU D 116 4.37 10.67 41.57
C LEU D 116 5.86 10.41 41.90
N ASN D 117 6.15 10.09 43.17
CA ASN D 117 7.52 9.77 43.63
C ASN D 117 7.94 8.30 43.36
N LYS D 118 7.13 7.57 42.60
CA LYS D 118 7.44 6.22 42.10
C LYS D 118 7.90 6.25 40.64
N VAL D 119 8.01 7.45 40.07
CA VAL D 119 8.26 7.62 38.63
C VAL D 119 9.76 7.69 38.32
N PHE D 120 10.25 6.75 37.52
CA PHE D 120 11.68 6.66 37.21
C PHE D 120 11.98 6.65 35.71
N PRO D 121 12.96 7.47 35.27
CA PRO D 121 13.52 7.40 33.91
C PRO D 121 14.33 6.10 33.67
N PRO D 122 14.52 5.70 32.39
CA PRO D 122 15.30 4.50 32.15
C PRO D 122 16.80 4.71 32.20
N GLU D 123 17.53 3.64 32.52
CA GLU D 123 18.97 3.62 32.36
C GLU D 123 19.23 2.84 31.08
N VAL D 124 20.03 3.40 30.19
CA VAL D 124 20.23 2.83 28.84
C VAL D 124 21.68 2.35 28.69
N ALA D 125 21.85 1.11 28.24
CA ALA D 125 23.19 0.54 27.99
C ALA D 125 23.26 -0.18 26.64
N VAL D 126 24.22 0.21 25.81
CA VAL D 126 24.51 -0.48 24.55
C VAL D 126 25.58 -1.55 24.79
N PHE D 127 25.26 -2.78 24.40
CA PHE D 127 26.19 -3.90 24.49
C PHE D 127 26.81 -4.19 23.11
N GLU D 128 28.12 -4.40 23.08
CA GLU D 128 28.88 -4.57 21.84
C GLU D 128 28.85 -6.02 21.32
N PRO D 129 28.90 -6.19 19.98
CA PRO D 129 28.95 -7.49 19.31
C PRO D 129 30.06 -8.42 19.79
N SER D 130 29.69 -9.68 19.99
CA SER D 130 30.62 -10.77 20.23
C SER D 130 31.46 -10.99 18.98
N GLU D 131 32.78 -11.07 19.13
CA GLU D 131 33.67 -11.42 18.01
C GLU D 131 33.55 -12.89 17.63
N ALA D 132 33.05 -13.69 18.58
CA ALA D 132 32.55 -15.04 18.33
C ALA D 132 31.48 -15.07 17.24
N GLU D 133 30.54 -14.12 17.28
CA GLU D 133 29.53 -13.96 16.22
C GLU D 133 30.12 -13.45 14.91
N ILE D 134 30.93 -12.38 15.03
CA ILE D 134 31.57 -11.67 13.91
C ILE D 134 32.34 -12.60 12.96
N SER D 135 33.16 -13.48 13.53
CA SER D 135 33.99 -14.40 12.76
C SER D 135 33.16 -15.53 12.13
N HIS D 136 32.15 -16.00 12.87
CA HIS D 136 31.28 -17.10 12.47
C HIS D 136 30.33 -16.75 11.32
N THR D 137 29.46 -15.76 11.55
CA THR D 137 28.34 -15.47 10.65
C THR D 137 28.58 -14.34 9.66
N GLN D 138 29.70 -13.63 9.80
CA GLN D 138 30.00 -12.36 9.08
C GLN D 138 28.95 -11.26 9.45
N LYS D 139 28.53 -11.28 10.72
CA LYS D 139 27.45 -10.41 11.22
C LYS D 139 27.71 -9.96 12.65
N ALA D 140 27.23 -8.76 12.97
CA ALA D 140 27.48 -8.15 14.28
C ALA D 140 26.20 -7.59 14.90
N THR D 141 25.85 -8.11 16.08
CA THR D 141 24.59 -7.72 16.75
C THR D 141 24.83 -6.93 18.04
N LEU D 142 24.29 -5.72 18.06
CA LEU D 142 24.32 -4.83 19.21
C LEU D 142 23.04 -4.97 20.00
N VAL D 143 23.13 -4.97 21.32
CA VAL D 143 21.94 -5.03 22.17
C VAL D 143 21.77 -3.76 23.02
N CYS D 144 20.60 -3.15 22.93
CA CYS D 144 20.23 -2.07 23.84
C CYS D 144 19.45 -2.68 25.00
N LEU D 145 19.53 -2.03 26.15
CA LEU D 145 18.87 -2.52 27.35
C LEU D 145 18.43 -1.38 28.27
N ALA D 146 17.13 -1.04 28.21
CA ALA D 146 16.57 0.03 29.01
C ALA D 146 16.02 -0.51 30.31
N THR D 147 16.52 -0.03 31.45
CA THR D 147 16.19 -0.65 32.73
C THR D 147 15.61 0.25 33.80
N GLY D 148 14.73 -0.33 34.63
CA GLY D 148 14.22 0.29 35.85
C GLY D 148 13.31 1.49 35.68
N PHE D 149 12.57 1.55 34.58
CA PHE D 149 11.72 2.70 34.33
C PHE D 149 10.28 2.55 34.79
N TYR D 150 9.67 3.68 35.17
CA TYR D 150 8.27 3.71 35.53
C TYR D 150 7.63 5.06 35.13
N PRO D 151 6.42 5.01 34.51
CA PRO D 151 5.78 3.82 33.93
C PRO D 151 6.33 3.48 32.55
N ASP D 152 5.63 2.65 31.79
CA ASP D 152 6.17 2.07 30.56
C ASP D 152 6.03 2.95 29.32
N HIS D 153 6.03 4.27 29.50
CA HIS D 153 5.80 5.24 28.44
C HIS D 153 7.13 5.51 27.73
N VAL D 154 7.64 4.52 27.00
CA VAL D 154 8.90 4.66 26.29
C VAL D 154 8.79 4.38 24.80
N GLU D 155 9.70 4.96 24.05
CA GLU D 155 9.86 4.61 22.65
C GLU D 155 11.36 4.44 22.41
N LEU D 156 11.75 3.27 21.93
CA LEU D 156 13.14 3.02 21.61
C LEU D 156 13.39 3.24 20.12
N SER D 157 14.53 3.83 19.84
CA SER D 157 14.98 3.98 18.47
C SER D 157 16.48 3.69 18.32
N TRP D 158 16.87 3.32 17.11
CA TRP D 158 18.26 3.01 16.77
C TRP D 158 18.82 3.96 15.73
N TRP D 159 19.99 4.54 16.04
CA TRP D 159 20.55 5.60 15.21
C TRP D 159 21.98 5.30 14.79
N VAL D 160 22.23 5.35 13.47
CA VAL D 160 23.57 5.10 12.92
C VAL D 160 24.04 6.25 12.02
N ASN D 161 25.17 6.85 12.42
CA ASN D 161 25.69 8.12 11.85
C ASN D 161 24.62 9.22 11.87
N GLY D 162 23.94 9.35 13.01
CA GLY D 162 22.84 10.32 13.18
C GLY D 162 21.59 10.12 12.35
N LYS D 163 21.40 8.90 11.83
CA LYS D 163 20.26 8.56 10.97
C LYS D 163 19.50 7.37 11.59
N GLU D 164 18.17 7.46 11.66
CA GLU D 164 17.34 6.42 12.25
C GLU D 164 17.15 5.23 11.31
N VAL D 165 17.58 4.05 11.77
CA VAL D 165 17.34 2.82 11.03
C VAL D 165 16.14 2.02 11.54
N HIS D 166 15.56 1.25 10.62
CA HIS D 166 14.51 0.29 10.92
C HIS D 166 14.90 -1.08 10.38
N SER D 167 15.70 -1.07 9.31
CA SER D 167 16.28 -2.27 8.71
C SER D 167 17.33 -2.90 9.62
N GLY D 168 17.14 -4.18 9.94
CA GLY D 168 18.06 -4.90 10.81
C GLY D 168 17.74 -4.71 12.29
N VAL D 169 16.58 -4.13 12.59
CA VAL D 169 16.18 -3.83 13.95
C VAL D 169 15.01 -4.71 14.40
N CYS D 170 15.05 -5.23 15.64
CA CYS D 170 13.85 -5.60 16.38
C CYS D 170 13.97 -5.26 17.87
N THR D 171 12.84 -4.82 18.40
CA THR D 171 12.69 -4.37 19.76
C THR D 171 11.52 -5.19 20.28
N ASP D 172 11.58 -5.59 21.56
CA ASP D 172 10.45 -6.20 22.28
C ASP D 172 9.13 -5.44 22.05
N PRO D 173 8.04 -6.20 21.79
CA PRO D 173 6.71 -5.59 21.60
C PRO D 173 6.28 -4.79 22.82
N GLN D 174 6.49 -5.35 24.02
CA GLN D 174 6.10 -4.71 25.26
C GLN D 174 7.28 -4.73 26.24
N PRO D 175 7.34 -3.72 27.13
CA PRO D 175 8.21 -3.79 28.30
C PRO D 175 7.83 -4.93 29.24
N LEU D 176 8.84 -5.46 29.96
CA LEU D 176 8.61 -6.51 30.96
C LEU D 176 8.60 -5.94 32.38
N LYS D 177 7.67 -6.42 33.20
CA LYS D 177 7.63 -6.11 34.63
C LYS D 177 8.84 -6.69 35.36
N GLU D 178 9.54 -5.85 36.12
CA GLU D 178 10.72 -6.28 36.88
C GLU D 178 10.34 -7.09 38.12
N GLN D 179 9.18 -6.76 38.72
CA GLN D 179 8.60 -7.56 39.79
C GLN D 179 7.21 -8.06 39.37
N PRO D 180 7.16 -9.22 38.65
CA PRO D 180 6.03 -9.80 37.91
C PRO D 180 4.64 -9.73 38.55
N ALA D 181 4.56 -10.01 39.84
CA ALA D 181 3.28 -9.97 40.56
C ALA D 181 3.00 -8.63 41.23
N LEU D 182 4.03 -7.79 41.42
CA LEU D 182 3.80 -6.42 41.92
C LEU D 182 3.29 -5.49 40.81
N ASN D 183 2.22 -4.76 41.13
CA ASN D 183 1.54 -3.91 40.14
C ASN D 183 2.27 -2.62 39.78
N ASP D 184 2.85 -1.96 40.77
CA ASP D 184 3.68 -0.78 40.52
C ASP D 184 5.18 -1.11 40.37
N SER D 185 5.46 -2.29 39.80
CA SER D 185 6.79 -2.71 39.40
C SER D 185 7.35 -1.81 38.30
N ARG D 186 8.67 -1.71 38.28
CA ARG D 186 9.36 -0.96 37.24
C ARG D 186 9.56 -1.84 35.99
N TYR D 187 10.15 -1.28 34.94
CA TYR D 187 10.10 -1.96 33.65
C TYR D 187 11.45 -2.14 32.97
N ALA D 188 11.55 -3.15 32.11
CA ALA D 188 12.72 -3.28 31.25
C ALA D 188 12.36 -3.49 29.77
N LEU D 189 13.27 -3.09 28.89
CA LEU D 189 13.05 -3.23 27.44
C LEU D 189 14.35 -3.51 26.70
N SER D 190 14.29 -4.42 25.75
CA SER D 190 15.48 -4.76 24.98
C SER D 190 15.24 -4.60 23.50
N SER D 191 16.32 -4.35 22.79
CA SER D 191 16.28 -4.21 21.35
C SER D 191 17.59 -4.65 20.80
N ARG D 192 17.62 -4.90 19.49
CA ARG D 192 18.80 -5.39 18.80
C ARG D 192 18.94 -4.69 17.47
N LEU D 193 20.17 -4.29 17.15
CA LEU D 193 20.52 -3.86 15.80
C LEU D 193 21.56 -4.81 15.27
N ARG D 194 21.35 -5.31 14.06
CA ARG D 194 22.33 -6.19 13.42
C ARG D 194 22.82 -5.59 12.13
N VAL D 195 24.15 -5.62 11.96
CA VAL D 195 24.80 -5.16 10.73
C VAL D 195 25.80 -6.21 10.24
N SER D 196 26.19 -6.09 8.97
CA SER D 196 27.25 -6.91 8.37
C SER D 196 28.56 -6.51 9.05
N ALA D 197 29.41 -7.50 9.34
CA ALA D 197 30.54 -7.33 10.27
C ALA D 197 31.56 -6.25 9.90
N THR D 198 31.74 -6.01 8.60
CA THR D 198 32.61 -4.95 8.09
C THR D 198 32.08 -3.53 8.35
N PHE D 199 30.76 -3.40 8.54
CA PHE D 199 30.17 -2.12 8.92
C PHE D 199 30.46 -1.76 10.40
N TRP D 200 30.48 -2.77 11.27
CA TRP D 200 30.90 -2.61 12.66
C TRP D 200 32.42 -2.41 12.78
N GLN D 201 33.18 -2.97 11.84
CA GLN D 201 34.65 -2.96 11.87
C GLN D 201 35.32 -1.68 11.34
N ASP D 202 34.51 -0.69 10.92
CA ASP D 202 35.00 0.61 10.45
C ASP D 202 35.56 1.67 11.49
N PRO D 203 35.08 1.70 12.78
CA PRO D 203 35.00 2.92 13.60
C PRO D 203 34.84 4.34 13.01
N ARG D 204 34.39 4.46 11.77
CA ARG D 204 33.89 5.74 11.24
C ARG D 204 32.45 5.84 11.71
N ASN D 205 31.82 4.68 11.85
CA ASN D 205 30.42 4.56 12.17
C ASN D 205 30.08 4.72 13.65
N HIS D 206 29.09 5.58 13.91
CA HIS D 206 28.55 5.83 15.25
C HIS D 206 27.25 5.07 15.44
N PHE D 207 27.12 4.34 16.55
CA PHE D 207 25.93 3.53 16.84
C PHE D 207 25.24 3.95 18.14
N ARG D 208 24.05 4.54 18.04
CA ARG D 208 23.33 5.03 19.22
C ARG D 208 21.91 4.45 19.40
N CYS D 209 21.64 3.98 20.62
CA CYS D 209 20.31 3.60 21.01
C CYS D 209 19.63 4.70 21.85
N GLN D 210 18.62 5.36 21.26
CA GLN D 210 17.79 6.36 21.94
C GLN D 210 16.53 5.78 22.59
N VAL D 211 16.30 6.09 23.86
CA VAL D 211 15.01 5.81 24.52
C VAL D 211 14.31 7.12 24.92
N GLN D 212 13.23 7.45 24.22
CA GLN D 212 12.37 8.58 24.60
C GLN D 212 11.48 8.16 25.76
N PHE D 213 11.64 8.82 26.91
CA PHE D 213 10.83 8.61 28.09
C PHE D 213 9.82 9.74 28.22
N TYR D 214 8.61 9.39 28.67
CA TYR D 214 7.58 10.39 28.91
C TYR D 214 7.26 10.43 30.39
N GLY D 215 7.66 11.54 31.02
CA GLY D 215 7.54 11.71 32.46
C GLY D 215 6.72 12.92 32.82
N LEU D 216 7.04 13.51 33.97
CA LEU D 216 6.31 14.67 34.48
C LEU D 216 6.65 15.94 33.70
N SER D 217 5.75 16.93 33.77
CA SER D 217 5.89 18.20 33.07
C SER D 217 6.68 19.22 33.89
N GLU D 218 6.51 20.50 33.55
CA GLU D 218 7.07 21.58 34.37
C GLU D 218 5.94 22.21 35.19
N ASN D 219 4.71 21.97 34.74
CA ASN D 219 3.48 22.28 35.48
C ASN D 219 3.36 21.42 36.76
N ASP D 220 3.86 20.18 36.67
CA ASP D 220 3.98 19.31 37.84
C ASP D 220 5.11 19.77 38.74
N GLU D 221 4.79 19.95 40.02
CA GLU D 221 5.79 20.33 41.02
C GLU D 221 6.46 19.09 41.62
N TRP D 222 7.79 19.11 41.70
CA TRP D 222 8.59 17.97 42.17
C TRP D 222 9.26 18.25 43.52
N THR D 223 9.28 17.24 44.39
CA THR D 223 9.83 17.36 45.74
C THR D 223 10.56 16.09 46.23
N GLN D 224 11.81 15.92 45.79
CA GLN D 224 12.61 14.74 46.15
C GLN D 224 14.11 14.96 46.31
N ASP D 225 14.84 13.85 46.38
CA ASP D 225 16.28 13.82 46.61
C ASP D 225 17.06 13.40 45.37
N ARG D 226 16.33 13.16 44.27
CA ARG D 226 16.95 12.91 42.96
C ARG D 226 16.41 13.93 41.93
N ALA D 227 17.06 13.97 40.76
CA ALA D 227 16.69 14.90 39.67
C ALA D 227 15.30 14.63 39.12
N LYS D 228 14.65 15.68 38.64
CA LYS D 228 13.25 15.66 38.19
C LYS D 228 13.04 14.75 36.97
N PRO D 229 12.17 13.71 37.12
CA PRO D 229 11.93 12.74 36.04
C PRO D 229 11.01 13.30 34.95
N VAL D 230 11.57 14.21 34.14
CA VAL D 230 10.84 14.86 33.08
C VAL D 230 10.77 13.98 31.84
N THR D 231 10.12 14.51 30.80
CA THR D 231 10.13 13.93 29.49
C THR D 231 11.53 14.16 28.88
N GLN D 232 12.24 13.06 28.64
CA GLN D 232 13.67 13.12 28.32
C GLN D 232 14.15 11.93 27.50
N ILE D 233 15.21 12.16 26.72
CA ILE D 233 15.90 11.08 26.01
C ILE D 233 17.13 10.64 26.80
N VAL D 234 17.09 9.40 27.30
CA VAL D 234 18.29 8.77 27.87
C VAL D 234 18.89 7.93 26.77
N SER D 235 20.21 8.04 26.58
CA SER D 235 20.89 7.32 25.51
C SER D 235 22.10 6.49 25.96
N ALA D 236 22.59 5.66 25.05
CA ALA D 236 23.90 5.03 25.14
C ALA D 236 24.47 4.81 23.74
N GLU D 237 25.80 4.73 23.65
CA GLU D 237 26.47 4.73 22.36
C GLU D 237 27.76 3.90 22.30
N ALA D 238 28.19 3.63 21.08
CA ALA D 238 29.35 2.77 20.80
C ALA D 238 30.04 3.12 19.49
N TRP D 239 31.36 3.13 19.53
CA TRP D 239 32.22 3.13 18.35
C TRP D 239 32.77 1.71 18.18
#